data_8TDZ
# 
_entry.id   8TDZ 
# 
_audit_conform.dict_name       mmcif_pdbx.dic 
_audit_conform.dict_version    5.395 
_audit_conform.dict_location   http://mmcif.pdb.org/dictionaries/ascii/mmcif_pdbx.dic 
# 
loop_
_database_2.database_id 
_database_2.database_code 
_database_2.pdbx_database_accession 
_database_2.pdbx_DOI 
PDB   8TDZ         pdb_00008tdz 10.2210/pdb8tdz/pdb 
WWPDB D_1000275653 ?            ?                   
# 
loop_
_pdbx_audit_revision_history.ordinal 
_pdbx_audit_revision_history.data_content_type 
_pdbx_audit_revision_history.major_revision 
_pdbx_audit_revision_history.minor_revision 
_pdbx_audit_revision_history.revision_date 
1 'Structure model' 1 0 2024-06-12 
2 'Structure model' 1 1 2024-06-26 
# 
_pdbx_audit_revision_details.ordinal             1 
_pdbx_audit_revision_details.revision_ordinal    1 
_pdbx_audit_revision_details.data_content_type   'Structure model' 
_pdbx_audit_revision_details.provider            repository 
_pdbx_audit_revision_details.type                'Initial release' 
_pdbx_audit_revision_details.description         ? 
_pdbx_audit_revision_details.details             ? 
# 
_pdbx_audit_revision_group.ordinal             1 
_pdbx_audit_revision_group.revision_ordinal    2 
_pdbx_audit_revision_group.data_content_type   'Structure model' 
_pdbx_audit_revision_group.group               'Database references' 
# 
loop_
_pdbx_audit_revision_category.ordinal 
_pdbx_audit_revision_category.revision_ordinal 
_pdbx_audit_revision_category.data_content_type 
_pdbx_audit_revision_category.category 
1 2 'Structure model' citation        
2 2 'Structure model' citation_author 
# 
loop_
_pdbx_audit_revision_item.ordinal 
_pdbx_audit_revision_item.revision_ordinal 
_pdbx_audit_revision_item.data_content_type 
_pdbx_audit_revision_item.item 
1 2 'Structure model' '_citation.journal_volume'          
2 2 'Structure model' '_citation.page_first'              
3 2 'Structure model' '_citation.page_last'               
4 2 'Structure model' '_citation_author.identifier_ORCID' 
# 
_pdbx_database_status.status_code                     REL 
_pdbx_database_status.status_code_sf                  REL 
_pdbx_database_status.status_code_mr                  ? 
_pdbx_database_status.entry_id                        8TDZ 
_pdbx_database_status.recvd_initial_deposition_date   2023-07-05 
_pdbx_database_status.SG_entry                        N 
_pdbx_database_status.deposit_site                    RCSB 
_pdbx_database_status.process_site                    RCSB 
_pdbx_database_status.status_code_cs                  ? 
_pdbx_database_status.status_code_nmr_data            ? 
_pdbx_database_status.methods_development_category    ? 
_pdbx_database_status.pdb_format_compatible           Y 
# 
_pdbx_contact_author.id                 2 
_pdbx_contact_author.email              jwszostak@uchicago.edu 
_pdbx_contact_author.name_first         Jack 
_pdbx_contact_author.name_last          Szostak 
_pdbx_contact_author.name_mi            W. 
_pdbx_contact_author.role               'principal investigator/group leader' 
_pdbx_contact_author.identifier_ORCID   0000-0003-4131-1203 
# 
loop_
_audit_author.name 
_audit_author.pdbx_ordinal 
_audit_author.identifier_ORCID 
'Fang, Z.'      1 0000-0001-8679-6633 
'Jia, X.'       2 0000-0001-9094-9882 
'Szostak, J.W.' 3 0000-0003-4131-1203 
# 
_citation.abstract                  ? 
_citation.abstract_id_CAS           ? 
_citation.book_id_ISBN              ? 
_citation.book_publisher            ? 
_citation.book_publisher_city       ? 
_citation.book_title                ? 
_citation.coordinate_linkage        ? 
_citation.country                   US 
_citation.database_id_Medline       ? 
_citation.details                   ? 
_citation.id                        primary 
_citation.journal_abbrev            J.Am.Chem.Soc. 
_citation.journal_id_ASTM           JACSAT 
_citation.journal_id_CSD            ? 
_citation.journal_id_ISSN           1520-5126 
_citation.journal_full              ? 
_citation.journal_issue             ? 
_citation.journal_volume            146 
_citation.language                  ? 
_citation.page_first                15897 
_citation.page_last                 15907 
_citation.title                     'Diaminopurine in Nonenzymatic RNA Template Copying.' 
_citation.year                      2024 
_citation.database_id_CSD           ? 
_citation.pdbx_database_id_DOI      10.1021/jacs.4c02560 
_citation.pdbx_database_id_PubMed   38818863 
_citation.pdbx_database_id_patent   ? 
_citation.unpublished_flag          ? 
# 
loop_
_citation_author.citation_id 
_citation_author.name 
_citation_author.ordinal 
_citation_author.identifier_ORCID 
primary 'Jia, X.'       1 ? 
primary 'Fang, Z.'      2 ? 
primary 'Kim, S.C.'     3 ? 
primary 'Ding, D.'      4 ? 
primary 'Zhou, L.'      5 ? 
primary 'Szostak, J.W.' 6 ? 
# 
loop_
_entity.id 
_entity.type 
_entity.src_method 
_entity.pdbx_description 
_entity.formula_weight 
_entity.pdbx_number_of_molecules 
_entity.pdbx_ec 
_entity.pdbx_mutation 
_entity.pdbx_fragment 
_entity.details 
1 polymer     syn RNA                     5098.078 1  ? ? ? ? 
2 non-polymer nat 'COBALT HEXAMMINE(III)' 161.116  1  ? ? ? ? 
3 water       nat water                   18.015   69 ? ? ? ? 
# 
_entity_poly.entity_id                      1 
_entity_poly.type                           polyribonucleotide 
_entity_poly.nstd_linkage                   no 
_entity_poly.nstd_monomer                   yes 
_entity_poly.pdbx_seq_one_letter_code       'AGAGAAG(N6G)UCUUCUCU' 
_entity_poly.pdbx_seq_one_letter_code_can   AGAGAAGGUCUUCUCU 
_entity_poly.pdbx_strand_id                 A 
_entity_poly.pdbx_target_identifier         ? 
# 
loop_
_pdbx_entity_nonpoly.entity_id 
_pdbx_entity_nonpoly.name 
_pdbx_entity_nonpoly.comp_id 
2 'COBALT HEXAMMINE(III)' NCO 
3 water                   HOH 
# 
loop_
_entity_poly_seq.entity_id 
_entity_poly_seq.num 
_entity_poly_seq.mon_id 
_entity_poly_seq.hetero 
1 1  A   n 
1 2  G   n 
1 3  A   n 
1 4  G   n 
1 5  A   n 
1 6  A   n 
1 7  G   n 
1 8  N6G n 
1 9  U   n 
1 10 C   n 
1 11 U   n 
1 12 U   n 
1 13 C   n 
1 14 U   n 
1 15 C   n 
1 16 U   n 
# 
_pdbx_entity_src_syn.entity_id              1 
_pdbx_entity_src_syn.pdbx_src_id            1 
_pdbx_entity_src_syn.pdbx_alt_source_flag   sample 
_pdbx_entity_src_syn.pdbx_beg_seq_num       1 
_pdbx_entity_src_syn.pdbx_end_seq_num       16 
_pdbx_entity_src_syn.organism_scientific    'synthetic construct' 
_pdbx_entity_src_syn.organism_common_name   ? 
_pdbx_entity_src_syn.ncbi_taxonomy_id       32630 
_pdbx_entity_src_syn.details                ? 
# 
loop_
_chem_comp.id 
_chem_comp.type 
_chem_comp.mon_nstd_flag 
_chem_comp.name 
_chem_comp.pdbx_synonyms 
_chem_comp.formula 
_chem_comp.formula_weight 
A   'RNA linking' y "ADENOSINE-5'-MONOPHOSPHATE"                                                                                  
? 'C10 H14 N5 O7 P' 347.221 
C   'RNA linking' y "CYTIDINE-5'-MONOPHOSPHATE"                                                                                   
? 'C9 H14 N3 O8 P'  323.197 
G   'RNA linking' y "GUANOSINE-5'-MONOPHOSPHATE"                                                                                  
? 'C10 H14 N5 O8 P' 363.221 
HOH non-polymer   . WATER                                                                                                         
? 'H2 O'            18.015  
N6G 'RNA linking' n '((2R,3S,4R,5S)-5-(2,6-DIAMINO-9H-PURIN-9-YL)-3,4-DIHYDROXY-TETRAHYDROFURAN-2-YL)METHYL DIHYDROGEN PHOSPHATE' 
? 'C10 H15 N6 O7 P' 362.236 
NCO non-polymer   . 'COBALT HEXAMMINE(III)'                                                                                       
? 'Co H18 N6 3'     161.116 
U   'RNA linking' y "URIDINE-5'-MONOPHOSPHATE"                                                                                    
? 'C9 H13 N2 O9 P'  324.181 
# 
loop_
_pdbx_poly_seq_scheme.asym_id 
_pdbx_poly_seq_scheme.entity_id 
_pdbx_poly_seq_scheme.seq_id 
_pdbx_poly_seq_scheme.mon_id 
_pdbx_poly_seq_scheme.ndb_seq_num 
_pdbx_poly_seq_scheme.pdb_seq_num 
_pdbx_poly_seq_scheme.auth_seq_num 
_pdbx_poly_seq_scheme.pdb_mon_id 
_pdbx_poly_seq_scheme.auth_mon_id 
_pdbx_poly_seq_scheme.pdb_strand_id 
_pdbx_poly_seq_scheme.pdb_ins_code 
_pdbx_poly_seq_scheme.hetero 
A 1 1  A   1  1  1  A   A   A . n 
A 1 2  G   2  2  2  G   G   A . n 
A 1 3  A   3  3  3  A   A   A . n 
A 1 4  G   4  4  4  G   G   A . n 
A 1 5  A   5  5  5  A   A   A . n 
A 1 6  A   6  6  6  A   A   A . n 
A 1 7  G   7  7  7  G   G   A . n 
A 1 8  N6G 8  8  8  N6G DAP A . n 
A 1 9  U   9  9  9  U   U   A . n 
A 1 10 C   10 10 10 C   C   A . n 
A 1 11 U   11 11 11 U   U   A . n 
A 1 12 U   12 12 12 U   U   A . n 
A 1 13 C   13 13 13 C   C   A . n 
A 1 14 U   14 14 14 U   U   A . n 
A 1 15 C   15 15 15 C   C   A . n 
A 1 16 U   16 16 16 U   U   A . n 
# 
loop_
_pdbx_nonpoly_scheme.asym_id 
_pdbx_nonpoly_scheme.entity_id 
_pdbx_nonpoly_scheme.mon_id 
_pdbx_nonpoly_scheme.ndb_seq_num 
_pdbx_nonpoly_scheme.pdb_seq_num 
_pdbx_nonpoly_scheme.auth_seq_num 
_pdbx_nonpoly_scheme.pdb_mon_id 
_pdbx_nonpoly_scheme.auth_mon_id 
_pdbx_nonpoly_scheme.pdb_strand_id 
_pdbx_nonpoly_scheme.pdb_ins_code 
B 2 NCO 1  101 101 NCO NCO A . 
C 3 HOH 1  201 67  HOH HOH A . 
C 3 HOH 2  202 27  HOH HOH A . 
C 3 HOH 3  203 54  HOH HOH A . 
C 3 HOH 4  204 45  HOH HOH A . 
C 3 HOH 5  205 60  HOH HOH A . 
C 3 HOH 6  206 36  HOH HOH A . 
C 3 HOH 7  207 52  HOH HOH A . 
C 3 HOH 8  208 20  HOH HOH A . 
C 3 HOH 9  209 34  HOH HOH A . 
C 3 HOH 10 210 5   HOH HOH A . 
C 3 HOH 11 211 13  HOH HOH A . 
C 3 HOH 12 212 30  HOH HOH A . 
C 3 HOH 13 213 66  HOH HOH A . 
C 3 HOH 14 214 17  HOH HOH A . 
C 3 HOH 15 215 22  HOH HOH A . 
C 3 HOH 16 216 4   HOH HOH A . 
C 3 HOH 17 217 31  HOH HOH A . 
C 3 HOH 18 218 50  HOH HOH A . 
C 3 HOH 19 219 48  HOH HOH A . 
C 3 HOH 20 220 35  HOH HOH A . 
C 3 HOH 21 221 41  HOH HOH A . 
C 3 HOH 22 222 68  HOH HOH A . 
C 3 HOH 23 223 9   HOH HOH A . 
C 3 HOH 24 224 33  HOH HOH A . 
C 3 HOH 25 225 8   HOH HOH A . 
C 3 HOH 26 226 18  HOH HOH A . 
C 3 HOH 27 227 53  HOH HOH A . 
C 3 HOH 28 228 58  HOH HOH A . 
C 3 HOH 29 229 6   HOH HOH A . 
C 3 HOH 30 230 56  HOH HOH A . 
C 3 HOH 31 231 3   HOH HOH A . 
C 3 HOH 32 232 1   HOH HOH A . 
C 3 HOH 33 233 2   HOH HOH A . 
C 3 HOH 34 234 29  HOH HOH A . 
C 3 HOH 35 235 7   HOH HOH A . 
C 3 HOH 36 236 69  HOH HOH A . 
C 3 HOH 37 237 63  HOH HOH A . 
C 3 HOH 38 238 61  HOH HOH A . 
C 3 HOH 39 239 14  HOH HOH A . 
C 3 HOH 40 240 39  HOH HOH A . 
C 3 HOH 41 241 25  HOH HOH A . 
C 3 HOH 42 242 55  HOH HOH A . 
C 3 HOH 43 243 32  HOH HOH A . 
C 3 HOH 44 244 43  HOH HOH A . 
C 3 HOH 45 245 16  HOH HOH A . 
C 3 HOH 46 246 62  HOH HOH A . 
C 3 HOH 47 247 59  HOH HOH A . 
C 3 HOH 48 248 23  HOH HOH A . 
C 3 HOH 49 249 42  HOH HOH A . 
C 3 HOH 50 250 11  HOH HOH A . 
C 3 HOH 51 251 24  HOH HOH A . 
C 3 HOH 52 252 65  HOH HOH A . 
C 3 HOH 53 253 51  HOH HOH A . 
C 3 HOH 54 254 26  HOH HOH A . 
C 3 HOH 55 255 12  HOH HOH A . 
C 3 HOH 56 256 64  HOH HOH A . 
C 3 HOH 57 257 46  HOH HOH A . 
C 3 HOH 58 258 19  HOH HOH A . 
C 3 HOH 59 259 38  HOH HOH A . 
C 3 HOH 60 260 15  HOH HOH A . 
C 3 HOH 61 261 28  HOH HOH A . 
C 3 HOH 62 262 47  HOH HOH A . 
C 3 HOH 63 263 57  HOH HOH A . 
C 3 HOH 64 264 10  HOH HOH A . 
C 3 HOH 65 265 40  HOH HOH A . 
C 3 HOH 66 266 49  HOH HOH A . 
C 3 HOH 67 267 44  HOH HOH A . 
C 3 HOH 68 268 21  HOH HOH A . 
C 3 HOH 69 269 37  HOH HOH A . 
# 
loop_
_software.citation_id 
_software.classification 
_software.compiler_name 
_software.compiler_version 
_software.contact_author 
_software.contact_author_email 
_software.date 
_software.description 
_software.dependencies 
_software.hardware 
_software.language 
_software.location 
_software.mods 
_software.name 
_software.os 
_software.os_version 
_software.type 
_software.version 
_software.pdbx_ordinal 
? refinement       ? ? ? ? ? ? ? ? ? ? ? REFMAC   ? ? ? 5.8.0415    1 
? refinement       ? ? ? ? ? ? ? ? ? ? ? PHENIX   ? ? ? 1.20.1_4487 2 
? 'data reduction' ? ? ? ? ? ? ? ? ? ? ? HKL-2000 ? ? ? .           3 
? 'data scaling'   ? ? ? ? ? ? ? ? ? ? ? HKL-2000 ? ? ? .           4 
? phasing          ? ? ? ? ? ? ? ? ? ? ? PHASER   ? ? ? .           5 
# 
_cell.angle_alpha                  90.000 
_cell.angle_alpha_esd              ? 
_cell.angle_beta                   90.000 
_cell.angle_beta_esd               ? 
_cell.angle_gamma                  120.000 
_cell.angle_gamma_esd              ? 
_cell.entry_id                     8TDZ 
_cell.details                      ? 
_cell.formula_units_Z              ? 
_cell.length_a                     41.870 
_cell.length_a_esd                 ? 
_cell.length_b                     41.870 
_cell.length_b_esd                 ? 
_cell.length_c                     124.300 
_cell.length_c_esd                 ? 
_cell.volume                       188715.548 
_cell.volume_esd                   ? 
_cell.Z_PDB                        18 
_cell.reciprocal_angle_alpha       ? 
_cell.reciprocal_angle_beta        ? 
_cell.reciprocal_angle_gamma       ? 
_cell.reciprocal_angle_alpha_esd   ? 
_cell.reciprocal_angle_beta_esd    ? 
_cell.reciprocal_angle_gamma_esd   ? 
_cell.reciprocal_length_a          ? 
_cell.reciprocal_length_b          ? 
_cell.reciprocal_length_c          ? 
_cell.reciprocal_length_a_esd      ? 
_cell.reciprocal_length_b_esd      ? 
_cell.reciprocal_length_c_esd      ? 
_cell.pdbx_unique_axis             ? 
_cell.pdbx_esd_method              ? 
# 
_symmetry.entry_id                         8TDZ 
_symmetry.cell_setting                     ? 
_symmetry.Int_Tables_number                155 
_symmetry.space_group_name_Hall            
;R 3 2"
;
_symmetry.space_group_name_H-M             'H 3 2' 
_symmetry.pdbx_full_space_group_name_H-M   ? 
# 
_exptl.absorpt_coefficient_mu     ? 
_exptl.absorpt_correction_T_max   ? 
_exptl.absorpt_correction_T_min   ? 
_exptl.absorpt_correction_type    ? 
_exptl.absorpt_process_details    ? 
_exptl.entry_id                   8TDZ 
_exptl.crystals_number            1 
_exptl.details                    ? 
_exptl.method                     'X-RAY DIFFRACTION' 
_exptl.method_details             ? 
# 
_exptl_crystal.colour                       ? 
_exptl_crystal.density_diffrn               ? 
_exptl_crystal.density_Matthews             2.09 
_exptl_crystal.density_method               ? 
_exptl_crystal.density_percent_sol          41.19 
_exptl_crystal.description                  ? 
_exptl_crystal.F_000                        ? 
_exptl_crystal.id                           1 
_exptl_crystal.preparation                  ? 
_exptl_crystal.size_max                     ? 
_exptl_crystal.size_mid                     ? 
_exptl_crystal.size_min                     ? 
_exptl_crystal.size_rad                     ? 
_exptl_crystal.colour_lustre                ? 
_exptl_crystal.colour_modifier              ? 
_exptl_crystal.colour_primary               ? 
_exptl_crystal.density_meas                 ? 
_exptl_crystal.density_meas_esd             ? 
_exptl_crystal.density_meas_gt              ? 
_exptl_crystal.density_meas_lt              ? 
_exptl_crystal.density_meas_temp            ? 
_exptl_crystal.density_meas_temp_esd        ? 
_exptl_crystal.density_meas_temp_gt         ? 
_exptl_crystal.density_meas_temp_lt         ? 
_exptl_crystal.pdbx_crystal_image_url       ? 
_exptl_crystal.pdbx_crystal_image_format    ? 
_exptl_crystal.pdbx_mosaicity               ? 
_exptl_crystal.pdbx_mosaicity_esd           ? 
_exptl_crystal.pdbx_mosaic_method           ? 
_exptl_crystal.pdbx_mosaic_block_size       ? 
_exptl_crystal.pdbx_mosaic_block_size_esd   ? 
# 
_exptl_crystal_grow.apparatus       ? 
_exptl_crystal_grow.atmosphere      ? 
_exptl_crystal_grow.crystal_id      1 
_exptl_crystal_grow.details         ? 
_exptl_crystal_grow.method          'VAPOR DIFFUSION, SITTING DROP' 
_exptl_crystal_grow.method_ref      ? 
_exptl_crystal_grow.pH              5.5 
_exptl_crystal_grow.pressure        ? 
_exptl_crystal_grow.pressure_esd    ? 
_exptl_crystal_grow.seeding         ? 
_exptl_crystal_grow.seeding_ref     ? 
_exptl_crystal_grow.temp_details    ? 
_exptl_crystal_grow.temp_esd        ? 
_exptl_crystal_grow.time            ? 
_exptl_crystal_grow.pdbx_details    
;40 mM Lithium chloride, 20 mM Magnesium chloride hexahydrate, 40 mM Sodium cacodylate trihydrate pH 5.5, 30% v/v (+/-)-2-Methyl-2,4-pentanediol, 2 mM Hexammine cobalt(III) chloride
;
_exptl_crystal_grow.pdbx_pH_range   ? 
_exptl_crystal_grow.temp            293 
# 
_diffrn.ambient_environment              ? 
_diffrn.ambient_temp                     99 
_diffrn.ambient_temp_details             ? 
_diffrn.ambient_temp_esd                 ? 
_diffrn.crystal_id                       1 
_diffrn.crystal_support                  ? 
_diffrn.crystal_treatment                ? 
_diffrn.details                          ? 
_diffrn.id                               1 
_diffrn.ambient_pressure                 ? 
_diffrn.ambient_pressure_esd             ? 
_diffrn.ambient_pressure_gt              ? 
_diffrn.ambient_pressure_lt              ? 
_diffrn.ambient_temp_gt                  ? 
_diffrn.ambient_temp_lt                  ? 
_diffrn.pdbx_serial_crystal_experiment   N 
# 
_diffrn_detector.details                      ? 
_diffrn_detector.detector                     PIXEL 
_diffrn_detector.diffrn_id                    1 
_diffrn_detector.type                         'DECTRIS PILATUS3 6M' 
_diffrn_detector.area_resol_mean              ? 
_diffrn_detector.dtime                        ? 
_diffrn_detector.pdbx_frames_total            ? 
_diffrn_detector.pdbx_collection_time_total   ? 
_diffrn_detector.pdbx_collection_date         2023-04-22 
_diffrn_detector.pdbx_frequency               ? 
_diffrn_detector.id                           ? 
_diffrn_detector.number_of_axes               ? 
# 
_diffrn_radiation.collimation                      ? 
_diffrn_radiation.diffrn_id                        1 
_diffrn_radiation.filter_edge                      ? 
_diffrn_radiation.inhomogeneity                    ? 
_diffrn_radiation.monochromator                    ? 
_diffrn_radiation.polarisn_norm                    ? 
_diffrn_radiation.polarisn_ratio                   ? 
_diffrn_radiation.probe                            ? 
_diffrn_radiation.type                             ? 
_diffrn_radiation.xray_symbol                      ? 
_diffrn_radiation.wavelength_id                    1 
_diffrn_radiation.pdbx_monochromatic_or_laue_m_l   M 
_diffrn_radiation.pdbx_wavelength_list             ? 
_diffrn_radiation.pdbx_wavelength                  ? 
_diffrn_radiation.pdbx_diffrn_protocol             'SINGLE WAVELENGTH' 
_diffrn_radiation.pdbx_analyzer                    ? 
_diffrn_radiation.pdbx_scattering_type             x-ray 
# 
_diffrn_radiation_wavelength.id           1 
_diffrn_radiation_wavelength.wavelength   1.038413 
_diffrn_radiation_wavelength.wt           1.0 
# 
_diffrn_source.current                     ? 
_diffrn_source.details                     ? 
_diffrn_source.diffrn_id                   1 
_diffrn_source.power                       ? 
_diffrn_source.size                        ? 
_diffrn_source.source                      SYNCHROTRON 
_diffrn_source.target                      ? 
_diffrn_source.type                        'ALS BEAMLINE 2.0.1' 
_diffrn_source.voltage                     ? 
_diffrn_source.take-off_angle              ? 
_diffrn_source.pdbx_wavelength_list        1.038413 
_diffrn_source.pdbx_wavelength             ? 
_diffrn_source.pdbx_synchrotron_beamline   2.0.1 
_diffrn_source.pdbx_synchrotron_site       ALS 
# 
_reflns.B_iso_Wilson_estimate                          7.47 
_reflns.entry_id                                       8TDZ 
_reflns.data_reduction_details                         ? 
_reflns.data_reduction_method                          ? 
_reflns.d_resolution_high                              1.64 
_reflns.d_resolution_low                               50 
_reflns.details                                        ? 
_reflns.limit_h_max                                    ? 
_reflns.limit_h_min                                    ? 
_reflns.limit_k_max                                    ? 
_reflns.limit_k_min                                    ? 
_reflns.limit_l_max                                    ? 
_reflns.limit_l_min                                    ? 
_reflns.number_all                                     ? 
_reflns.number_obs                                     5403 
_reflns.observed_criterion                             ? 
_reflns.observed_criterion_F_max                       ? 
_reflns.observed_criterion_F_min                       ? 
_reflns.observed_criterion_I_max                       ? 
_reflns.observed_criterion_I_min                       ? 
_reflns.observed_criterion_sigma_F                     ? 
_reflns.observed_criterion_sigma_I                     ? 
_reflns.percent_possible_obs                           99.6 
_reflns.R_free_details                                 ? 
_reflns.Rmerge_F_all                                   ? 
_reflns.Rmerge_F_obs                                   ? 
_reflns.Friedel_coverage                               ? 
_reflns.number_gt                                      ? 
_reflns.threshold_expression                           ? 
_reflns.pdbx_redundancy                                8.7 
_reflns.pdbx_netI_over_av_sigmaI                       ? 
_reflns.pdbx_netI_over_sigmaI                          35.5 
_reflns.pdbx_res_netI_over_av_sigmaI_2                 ? 
_reflns.pdbx_res_netI_over_sigmaI_2                    ? 
_reflns.pdbx_chi_squared                               0.865 
_reflns.pdbx_scaling_rejects                           ? 
_reflns.pdbx_d_res_high_opt                            ? 
_reflns.pdbx_d_res_low_opt                             ? 
_reflns.pdbx_d_res_opt_method                          ? 
_reflns.phase_calculation_details                      ? 
_reflns.pdbx_Rrim_I_all                                0.057 
_reflns.pdbx_Rpim_I_all                                0.019 
_reflns.pdbx_d_opt                                     ? 
_reflns.pdbx_number_measured_all                       ? 
_reflns.pdbx_diffrn_id                                 1 
_reflns.pdbx_ordinal                                   1 
_reflns.pdbx_CC_half                                   ? 
_reflns.pdbx_CC_star                                   1.00 
_reflns.pdbx_R_split                                   ? 
_reflns.pdbx_Rmerge_I_obs                              0.053 
_reflns.pdbx_Rmerge_I_all                              ? 
_reflns.pdbx_Rsym_value                                ? 
_reflns.pdbx_CC_split_method                           ? 
_reflns.pdbx_aniso_diffraction_limit_axis_1_ortho[1]   ? 
_reflns.pdbx_aniso_diffraction_limit_axis_1_ortho[2]   ? 
_reflns.pdbx_aniso_diffraction_limit_axis_1_ortho[3]   ? 
_reflns.pdbx_aniso_diffraction_limit_axis_2_ortho[1]   ? 
_reflns.pdbx_aniso_diffraction_limit_axis_2_ortho[2]   ? 
_reflns.pdbx_aniso_diffraction_limit_axis_2_ortho[3]   ? 
_reflns.pdbx_aniso_diffraction_limit_axis_3_ortho[1]   ? 
_reflns.pdbx_aniso_diffraction_limit_axis_3_ortho[2]   ? 
_reflns.pdbx_aniso_diffraction_limit_axis_3_ortho[3]   ? 
_reflns.pdbx_aniso_diffraction_limit_1                 ? 
_reflns.pdbx_aniso_diffraction_limit_2                 ? 
_reflns.pdbx_aniso_diffraction_limit_3                 ? 
_reflns.pdbx_aniso_B_tensor_eigenvector_1_ortho[1]     ? 
_reflns.pdbx_aniso_B_tensor_eigenvector_1_ortho[2]     ? 
_reflns.pdbx_aniso_B_tensor_eigenvector_1_ortho[3]     ? 
_reflns.pdbx_aniso_B_tensor_eigenvector_2_ortho[1]     ? 
_reflns.pdbx_aniso_B_tensor_eigenvector_2_ortho[2]     ? 
_reflns.pdbx_aniso_B_tensor_eigenvector_2_ortho[3]     ? 
_reflns.pdbx_aniso_B_tensor_eigenvector_3_ortho[1]     ? 
_reflns.pdbx_aniso_B_tensor_eigenvector_3_ortho[2]     ? 
_reflns.pdbx_aniso_B_tensor_eigenvector_3_ortho[3]     ? 
_reflns.pdbx_aniso_B_tensor_eigenvalue_1               ? 
_reflns.pdbx_aniso_B_tensor_eigenvalue_2               ? 
_reflns.pdbx_aniso_B_tensor_eigenvalue_3               ? 
_reflns.pdbx_orthogonalization_convention              ? 
_reflns.pdbx_percent_possible_ellipsoidal              ? 
_reflns.pdbx_percent_possible_spherical                ? 
_reflns.pdbx_percent_possible_ellipsoidal_anomalous    ? 
_reflns.pdbx_percent_possible_spherical_anomalous      ? 
_reflns.pdbx_redundancy_anomalous                      ? 
_reflns.pdbx_CC_half_anomalous                         ? 
_reflns.pdbx_absDiff_over_sigma_anomalous              ? 
_reflns.pdbx_percent_possible_anomalous                ? 
_reflns.pdbx_observed_signal_threshold                 ? 
_reflns.pdbx_signal_type                               ? 
_reflns.pdbx_signal_details                            ? 
_reflns.pdbx_signal_software_id                        ? 
# 
_reflns_shell.d_res_high                                    1.64 
_reflns_shell.d_res_low                                     1.67 
_reflns_shell.meanI_over_sigI_all                           ? 
_reflns_shell.meanI_over_sigI_obs                           8.4 
_reflns_shell.number_measured_all                           ? 
_reflns_shell.number_measured_obs                           ? 
_reflns_shell.number_possible                               ? 
_reflns_shell.number_unique_all                             ? 
_reflns_shell.number_unique_obs                             250 
_reflns_shell.percent_possible_obs                          ? 
_reflns_shell.Rmerge_F_all                                  ? 
_reflns_shell.Rmerge_F_obs                                  ? 
_reflns_shell.meanI_over_sigI_gt                            ? 
_reflns_shell.meanI_over_uI_all                             ? 
_reflns_shell.meanI_over_uI_gt                              ? 
_reflns_shell.number_measured_gt                            ? 
_reflns_shell.number_unique_gt                              ? 
_reflns_shell.percent_possible_gt                           ? 
_reflns_shell.Rmerge_F_gt                                   ? 
_reflns_shell.Rmerge_I_gt                                   ? 
_reflns_shell.pdbx_redundancy                               5.0 
_reflns_shell.pdbx_chi_squared                              1.059 
_reflns_shell.pdbx_netI_over_sigmaI_all                     ? 
_reflns_shell.pdbx_netI_over_sigmaI_obs                     ? 
_reflns_shell.pdbx_Rrim_I_all                               0.204 
_reflns_shell.pdbx_Rpim_I_all                               0.084 
_reflns_shell.pdbx_rejects                                  ? 
_reflns_shell.pdbx_ordinal                                  1 
_reflns_shell.pdbx_diffrn_id                                1 
_reflns_shell.pdbx_CC_half                                  0.993 
_reflns_shell.pdbx_CC_star                                  0.998 
_reflns_shell.pdbx_R_split                                  ? 
_reflns_shell.percent_possible_all                          100 
_reflns_shell.Rmerge_I_all                                  ? 
_reflns_shell.Rmerge_I_obs                                  0.184 
_reflns_shell.pdbx_Rsym_value                               ? 
_reflns_shell.pdbx_percent_possible_ellipsoidal             ? 
_reflns_shell.pdbx_percent_possible_spherical               ? 
_reflns_shell.pdbx_percent_possible_ellipsoidal_anomalous   ? 
_reflns_shell.pdbx_percent_possible_spherical_anomalous     ? 
_reflns_shell.pdbx_redundancy_anomalous                     ? 
_reflns_shell.pdbx_CC_half_anomalous                        ? 
_reflns_shell.pdbx_absDiff_over_sigma_anomalous             ? 
_reflns_shell.pdbx_percent_possible_anomalous               ? 
# 
_refine.aniso_B[1][1]                            ? 
_refine.aniso_B[1][2]                            ? 
_refine.aniso_B[1][3]                            ? 
_refine.aniso_B[2][2]                            ? 
_refine.aniso_B[2][3]                            ? 
_refine.aniso_B[3][3]                            ? 
_refine.B_iso_max                                ? 
_refine.B_iso_mean                               12.30 
_refine.B_iso_min                                ? 
_refine.correlation_coeff_Fo_to_Fc               ? 
_refine.correlation_coeff_Fo_to_Fc_free          ? 
_refine.details                                  ? 
_refine.diff_density_max                         ? 
_refine.diff_density_max_esd                     ? 
_refine.diff_density_min                         ? 
_refine.diff_density_min_esd                     ? 
_refine.diff_density_rms                         ? 
_refine.diff_density_rms_esd                     ? 
_refine.entry_id                                 8TDZ 
_refine.pdbx_refine_id                           'X-RAY DIFFRACTION' 
_refine.ls_abs_structure_details                 ? 
_refine.ls_abs_structure_Flack                   ? 
_refine.ls_abs_structure_Flack_esd               ? 
_refine.ls_abs_structure_Rogers                  ? 
_refine.ls_abs_structure_Rogers_esd              ? 
_refine.ls_d_res_high                            1.64 
_refine.ls_d_res_low                             41.43 
_refine.ls_extinction_coef                       ? 
_refine.ls_extinction_coef_esd                   ? 
_refine.ls_extinction_expression                 ? 
_refine.ls_extinction_method                     ? 
_refine.ls_goodness_of_fit_all                   ? 
_refine.ls_goodness_of_fit_all_esd               ? 
_refine.ls_goodness_of_fit_obs                   ? 
_refine.ls_goodness_of_fit_obs_esd               ? 
_refine.ls_hydrogen_treatment                    ? 
_refine.ls_matrix_type                           ? 
_refine.ls_number_constraints                    ? 
_refine.ls_number_parameters                     ? 
_refine.ls_number_reflns_all                     ? 
_refine.ls_number_reflns_obs                     4953 
_refine.ls_number_reflns_R_free                  262 
_refine.ls_number_reflns_R_work                  4691 
_refine.ls_number_restraints                     ? 
_refine.ls_percent_reflns_obs                    91.30 
_refine.ls_percent_reflns_R_free                 5.29 
_refine.ls_R_factor_all                          ? 
_refine.ls_R_factor_obs                          0.1900 
_refine.ls_R_factor_R_free                       0.2216 
_refine.ls_R_factor_R_free_error                 ? 
_refine.ls_R_factor_R_free_error_details         ? 
_refine.ls_R_factor_R_work                       0.1882 
_refine.ls_R_Fsqd_factor_obs                     ? 
_refine.ls_R_I_factor_obs                        ? 
_refine.ls_redundancy_reflns_all                 ? 
_refine.ls_redundancy_reflns_obs                 ? 
_refine.ls_restrained_S_all                      ? 
_refine.ls_restrained_S_obs                      ? 
_refine.ls_shift_over_esd_max                    ? 
_refine.ls_shift_over_esd_mean                   ? 
_refine.ls_structure_factor_coef                 ? 
_refine.ls_weighting_details                     ? 
_refine.ls_weighting_scheme                      ? 
_refine.ls_wR_factor_all                         ? 
_refine.ls_wR_factor_obs                         ? 
_refine.ls_wR_factor_R_free                      ? 
_refine.ls_wR_factor_R_work                      ? 
_refine.occupancy_max                            ? 
_refine.occupancy_min                            ? 
_refine.solvent_model_details                    'FLAT BULK SOLVENT MODEL' 
_refine.solvent_model_param_bsol                 ? 
_refine.solvent_model_param_ksol                 ? 
_refine.pdbx_R_complete                          ? 
_refine.ls_R_factor_gt                           ? 
_refine.ls_goodness_of_fit_gt                    ? 
_refine.ls_goodness_of_fit_ref                   ? 
_refine.ls_shift_over_su_max                     ? 
_refine.ls_shift_over_su_max_lt                  ? 
_refine.ls_shift_over_su_mean                    ? 
_refine.ls_shift_over_su_mean_lt                 ? 
_refine.pdbx_ls_sigma_I                          ? 
_refine.pdbx_ls_sigma_F                          1.41 
_refine.pdbx_ls_sigma_Fsqd                       ? 
_refine.pdbx_data_cutoff_high_absF               ? 
_refine.pdbx_data_cutoff_high_rms_absF           ? 
_refine.pdbx_data_cutoff_low_absF                ? 
_refine.pdbx_isotropic_thermal_model             ? 
_refine.pdbx_ls_cross_valid_method               'FREE R-VALUE' 
_refine.pdbx_method_to_determine_struct          'MOLECULAR REPLACEMENT' 
_refine.pdbx_starting_model                      ? 
_refine.pdbx_stereochemistry_target_values       'GeoStd + Monomer Library + CDL v1.2' 
_refine.pdbx_R_Free_selection_details            ? 
_refine.pdbx_stereochem_target_val_spec_case     ? 
_refine.pdbx_overall_ESU_R                       ? 
_refine.pdbx_overall_ESU_R_Free                  ? 
_refine.pdbx_solvent_vdw_probe_radii             1.1000 
_refine.pdbx_solvent_ion_probe_radii             ? 
_refine.pdbx_solvent_shrinkage_radii             0.9000 
_refine.pdbx_real_space_R                        ? 
_refine.pdbx_density_correlation                 ? 
_refine.pdbx_pd_number_of_powder_patterns        ? 
_refine.pdbx_pd_number_of_points                 ? 
_refine.pdbx_pd_meas_number_of_points            ? 
_refine.pdbx_pd_proc_ls_prof_R_factor            ? 
_refine.pdbx_pd_proc_ls_prof_wR_factor           ? 
_refine.pdbx_pd_Marquardt_correlation_coeff      ? 
_refine.pdbx_pd_Fsqrd_R_factor                   ? 
_refine.pdbx_pd_ls_matrix_band_width             ? 
_refine.pdbx_overall_phase_error                 17.5942 
_refine.pdbx_overall_SU_R_free_Cruickshank_DPI   ? 
_refine.pdbx_overall_SU_R_free_Blow_DPI          ? 
_refine.pdbx_overall_SU_R_Blow_DPI               ? 
_refine.pdbx_TLS_residual_ADP_flag               ? 
_refine.pdbx_diffrn_id                           1 
_refine.overall_SU_B                             ? 
_refine.overall_SU_ML                            0.1523 
_refine.overall_SU_R_Cruickshank_DPI             ? 
_refine.overall_SU_R_free                        ? 
_refine.overall_FOM_free_R_set                   ? 
_refine.overall_FOM_work_R_set                   ? 
_refine.pdbx_average_fsc_overall                 ? 
_refine.pdbx_average_fsc_work                    ? 
_refine.pdbx_average_fsc_free                    ? 
# 
_refine_hist.pdbx_refine_id                   'X-RAY DIFFRACTION' 
_refine_hist.cycle_id                         LAST 
_refine_hist.details                          ? 
_refine_hist.d_res_high                       1.64 
_refine_hist.d_res_low                        41.43 
_refine_hist.number_atoms_solvent             69 
_refine_hist.number_atoms_total               413 
_refine_hist.number_reflns_all                ? 
_refine_hist.number_reflns_obs                ? 
_refine_hist.number_reflns_R_free             ? 
_refine_hist.number_reflns_R_work             ? 
_refine_hist.R_factor_all                     ? 
_refine_hist.R_factor_obs                     ? 
_refine_hist.R_factor_R_free                  ? 
_refine_hist.R_factor_R_work                  ? 
_refine_hist.pdbx_number_residues_total       ? 
_refine_hist.pdbx_B_iso_mean_ligand           ? 
_refine_hist.pdbx_B_iso_mean_solvent          ? 
_refine_hist.pdbx_number_atoms_protein        0 
_refine_hist.pdbx_number_atoms_nucleic_acid   337 
_refine_hist.pdbx_number_atoms_ligand         7 
_refine_hist.pdbx_number_atoms_lipid          ? 
_refine_hist.pdbx_number_atoms_carb           ? 
_refine_hist.pdbx_pseudo_atom_details         ? 
# 
loop_
_refine_ls_restr.pdbx_refine_id 
_refine_ls_restr.criterion 
_refine_ls_restr.dev_ideal 
_refine_ls_restr.dev_ideal_target 
_refine_ls_restr.number 
_refine_ls_restr.rejects 
_refine_ls_restr.type 
_refine_ls_restr.weight 
_refine_ls_restr.pdbx_restraint_function 
'X-RAY DIFFRACTION' ? 0.0047 ? 382 ? f_bond_d           ? ? 
'X-RAY DIFFRACTION' ? 1.0025 ? 599 ? f_angle_d          ? ? 
'X-RAY DIFFRACTION' ? 0.0387 ? 78  ? f_chiral_restr     ? ? 
'X-RAY DIFFRACTION' ? 0.0080 ? 16  ? f_plane_restr      ? ? 
'X-RAY DIFFRACTION' ? 5.3396 ? 180 ? f_dihedral_angle_d ? ? 
# 
loop_
_refine_ls_shell.pdbx_refine_id 
_refine_ls_shell.d_res_high 
_refine_ls_shell.d_res_low 
_refine_ls_shell.number_reflns_all 
_refine_ls_shell.number_reflns_obs 
_refine_ls_shell.number_reflns_R_free 
_refine_ls_shell.number_reflns_R_work 
_refine_ls_shell.percent_reflns_obs 
_refine_ls_shell.percent_reflns_R_free 
_refine_ls_shell.R_factor_all 
_refine_ls_shell.R_factor_obs 
_refine_ls_shell.R_factor_R_free_error 
_refine_ls_shell.R_factor_R_work 
_refine_ls_shell.redundancy_reflns_all 
_refine_ls_shell.redundancy_reflns_obs 
_refine_ls_shell.wR_factor_all 
_refine_ls_shell.wR_factor_obs 
_refine_ls_shell.wR_factor_R_free 
_refine_ls_shell.wR_factor_R_work 
_refine_ls_shell.pdbx_R_complete 
_refine_ls_shell.pdbx_total_number_of_bins_used 
_refine_ls_shell.pdbx_phase_error 
_refine_ls_shell.pdbx_fsc_work 
_refine_ls_shell.pdbx_fsc_free 
_refine_ls_shell.R_factor_R_free 
'X-RAY DIFFRACTION' 1.64 1.70  . 260 15 245 50  . . . . 0.1951 . . . . . . . . . . . 0.2029 
'X-RAY DIFFRACTION' 1.70 1.77  . 375 13 362 71  . . . . 0.1865 . . . . . . . . . . . 0.2847 
'X-RAY DIFFRACTION' 1.77 1.85  . 498 28 470 93  . . . . 0.1966 . . . . . . . . . . . 0.1908 
'X-RAY DIFFRACTION' 1.85 1.94  . 527 30 497 100 . . . . 0.2001 . . . . . . . . . . . 0.2434 
'X-RAY DIFFRACTION' 1.95 2.07  . 537 25 512 100 . . . . 0.2134 . . . . . . . . . . . 0.2821 
'X-RAY DIFFRACTION' 2.07 2.23  . 536 37 499 100 . . . . 0.1946 . . . . . . . . . . . 0.2240 
'X-RAY DIFFRACTION' 2.23 2.45  . 548 29 519 100 . . . . 0.2115 . . . . . . . . . . . 0.2327 
'X-RAY DIFFRACTION' 2.45 2.80  . 542 29 513 100 . . . . 0.2129 . . . . . . . . . . . 0.2842 
'X-RAY DIFFRACTION' 2.81 3.53  . 537 30 507 97  . . . . 0.1749 . . . . . . . . . . . 0.1844 
'X-RAY DIFFRACTION' 3.53 41.43 . 593 26 567 99  . . . . 0.1569 . . . . . . . . . . . 0.1778 
# 
_struct.entry_id                     8TDZ 
_struct.title                        '16mer self-complementary duplex RNA with D:U pair sequence 2' 
_struct.pdbx_model_details           ? 
_struct.pdbx_formula_weight          ? 
_struct.pdbx_formula_weight_method   ? 
_struct.pdbx_model_type_details      ? 
_struct.pdbx_CASP_flag               N 
# 
_struct_keywords.entry_id        8TDZ 
_struct_keywords.text            'Diaminopurine, RNA, Non-canonical base pair' 
_struct_keywords.pdbx_keywords   RNA 
# 
loop_
_struct_asym.id 
_struct_asym.pdbx_blank_PDB_chainid_flag 
_struct_asym.pdbx_modified 
_struct_asym.entity_id 
_struct_asym.details 
A N N 1 ? 
B N N 2 ? 
C N N 3 ? 
# 
_struct_ref.id                         1 
_struct_ref.db_name                    PDB 
_struct_ref.db_code                    8TDZ 
_struct_ref.pdbx_db_accession          8TDZ 
_struct_ref.pdbx_db_isoform            ? 
_struct_ref.entity_id                  1 
_struct_ref.pdbx_seq_one_letter_code   ? 
_struct_ref.pdbx_align_begin           1 
# 
_struct_ref_seq.align_id                      1 
_struct_ref_seq.ref_id                        1 
_struct_ref_seq.pdbx_PDB_id_code              8TDZ 
_struct_ref_seq.pdbx_strand_id                A 
_struct_ref_seq.seq_align_beg                 1 
_struct_ref_seq.pdbx_seq_align_beg_ins_code   ? 
_struct_ref_seq.seq_align_end                 16 
_struct_ref_seq.pdbx_seq_align_end_ins_code   ? 
_struct_ref_seq.pdbx_db_accession             8TDZ 
_struct_ref_seq.db_align_beg                  1 
_struct_ref_seq.pdbx_db_align_beg_ins_code    ? 
_struct_ref_seq.db_align_end                  16 
_struct_ref_seq.pdbx_db_align_end_ins_code    ? 
_struct_ref_seq.pdbx_auth_seq_align_beg       1 
_struct_ref_seq.pdbx_auth_seq_align_end       16 
# 
_pdbx_struct_assembly.id                   1 
_pdbx_struct_assembly.details              author_and_software_defined_assembly 
_pdbx_struct_assembly.method_details       PISA 
_pdbx_struct_assembly.oligomeric_details   dimeric 
_pdbx_struct_assembly.oligomeric_count     2 
# 
loop_
_pdbx_struct_assembly_prop.biol_id 
_pdbx_struct_assembly_prop.type 
_pdbx_struct_assembly_prop.value 
_pdbx_struct_assembly_prop.details 
1 'ABSA (A^2)' 3030 ? 
1 MORE         -6   ? 
1 'SSA (A^2)'  5810 ? 
# 
_pdbx_struct_assembly_gen.assembly_id       1 
_pdbx_struct_assembly_gen.oper_expression   1,2 
_pdbx_struct_assembly_gen.asym_id_list      A,B,C 
# 
loop_
_pdbx_struct_oper_list.id 
_pdbx_struct_oper_list.type 
_pdbx_struct_oper_list.name 
_pdbx_struct_oper_list.symmetry_operation 
_pdbx_struct_oper_list.matrix[1][1] 
_pdbx_struct_oper_list.matrix[1][2] 
_pdbx_struct_oper_list.matrix[1][3] 
_pdbx_struct_oper_list.vector[1] 
_pdbx_struct_oper_list.matrix[2][1] 
_pdbx_struct_oper_list.matrix[2][2] 
_pdbx_struct_oper_list.matrix[2][3] 
_pdbx_struct_oper_list.vector[2] 
_pdbx_struct_oper_list.matrix[3][1] 
_pdbx_struct_oper_list.matrix[3][2] 
_pdbx_struct_oper_list.matrix[3][3] 
_pdbx_struct_oper_list.vector[3] 
1 'identity operation'         1_555 x,y,z  1.0000000000  0.0000000000 0.0000000000 0.0000000000 0.0000000000 1.0000000000  0.0000000000 0.0000000000 0.0000000000 0.0000000000 1.0000000000 0.0000000000  
2 'crystal symmetry operation' 4_555 y,x,-z -0.7215999012 0.1040794256 0.6844421493 0.2280910121 0.1040794256 -0.9610900754 0.2558775880 3.6953020460 0.6844421493 0.2558775880 0.6826899767 -0.6547017525 
# 
loop_
_struct_conn.id 
_struct_conn.conn_type_id 
_struct_conn.pdbx_leaving_atom_flag 
_struct_conn.pdbx_PDB_id 
_struct_conn.ptnr1_label_asym_id 
_struct_conn.ptnr1_label_comp_id 
_struct_conn.ptnr1_label_seq_id 
_struct_conn.ptnr1_label_atom_id 
_struct_conn.pdbx_ptnr1_label_alt_id 
_struct_conn.pdbx_ptnr1_PDB_ins_code 
_struct_conn.pdbx_ptnr1_standard_comp_id 
_struct_conn.ptnr1_symmetry 
_struct_conn.ptnr2_label_asym_id 
_struct_conn.ptnr2_label_comp_id 
_struct_conn.ptnr2_label_seq_id 
_struct_conn.ptnr2_label_atom_id 
_struct_conn.pdbx_ptnr2_label_alt_id 
_struct_conn.pdbx_ptnr2_PDB_ins_code 
_struct_conn.ptnr1_auth_asym_id 
_struct_conn.ptnr1_auth_comp_id 
_struct_conn.ptnr1_auth_seq_id 
_struct_conn.ptnr2_auth_asym_id 
_struct_conn.ptnr2_auth_comp_id 
_struct_conn.ptnr2_auth_seq_id 
_struct_conn.ptnr2_symmetry 
_struct_conn.pdbx_ptnr3_label_atom_id 
_struct_conn.pdbx_ptnr3_label_seq_id 
_struct_conn.pdbx_ptnr3_label_comp_id 
_struct_conn.pdbx_ptnr3_label_asym_id 
_struct_conn.pdbx_ptnr3_label_alt_id 
_struct_conn.pdbx_ptnr3_PDB_ins_code 
_struct_conn.details 
_struct_conn.pdbx_dist_value 
_struct_conn.pdbx_value_order 
_struct_conn.pdbx_role 
covale1  covale both ? A G   7  "O3'" ? ? ? 1_555 A N6G 8  P  ? ? A G   7  A N6G 8  1_555 ? ? ? ? ? ? ?               1.611 ? ? 
covale2  covale both ? A N6G 8  "O3'" ? ? ? 1_555 A U   9  P  ? ? A N6G 8  A U   9  1_555 ? ? ? ? ? ? ?               1.606 ? ? 
hydrog1  hydrog ?    ? A A   1  N1    ? ? ? 1_555 A U   16 N3 ? ? A A   1  A U   16 4_555 ? ? ? ? ? ? WATSON-CRICK    ?     ? ? 
hydrog2  hydrog ?    ? A A   1  N6    ? ? ? 1_555 A U   16 O4 ? ? A A   1  A U   16 4_555 ? ? ? ? ? ? WATSON-CRICK    ?     ? ? 
hydrog3  hydrog ?    ? A G   2  N1    ? ? ? 1_555 A C   15 N3 ? ? A G   2  A C   15 4_555 ? ? ? ? ? ? WATSON-CRICK    ?     ? ? 
hydrog4  hydrog ?    ? A G   2  N2    ? ? ? 1_555 A C   15 O2 ? ? A G   2  A C   15 4_555 ? ? ? ? ? ? WATSON-CRICK    ?     ? ? 
hydrog5  hydrog ?    ? A G   2  O6    ? ? ? 1_555 A C   15 N4 ? ? A G   2  A C   15 4_555 ? ? ? ? ? ? WATSON-CRICK    ?     ? ? 
hydrog6  hydrog ?    ? A A   3  N1    ? ? ? 1_555 A U   14 N3 ? ? A A   3  A U   14 4_555 ? ? ? ? ? ? WATSON-CRICK    ?     ? ? 
hydrog7  hydrog ?    ? A A   3  N6    ? ? ? 1_555 A U   14 O4 ? ? A A   3  A U   14 4_555 ? ? ? ? ? ? WATSON-CRICK    ?     ? ? 
hydrog8  hydrog ?    ? A G   4  N1    ? ? ? 1_555 A C   13 N3 ? ? A G   4  A C   13 4_555 ? ? ? ? ? ? WATSON-CRICK    ?     ? ? 
hydrog9  hydrog ?    ? A G   4  N2    ? ? ? 1_555 A C   13 O2 ? ? A G   4  A C   13 4_555 ? ? ? ? ? ? WATSON-CRICK    ?     ? ? 
hydrog10 hydrog ?    ? A G   4  O6    ? ? ? 1_555 A C   13 N4 ? ? A G   4  A C   13 4_555 ? ? ? ? ? ? WATSON-CRICK    ?     ? ? 
hydrog11 hydrog ?    ? A A   5  N1    ? ? ? 1_555 A U   12 N3 ? ? A A   5  A U   12 4_555 ? ? ? ? ? ? WATSON-CRICK    ?     ? ? 
hydrog12 hydrog ?    ? A A   5  N6    ? ? ? 1_555 A U   12 O4 ? ? A A   5  A U   12 4_555 ? ? ? ? ? ? WATSON-CRICK    ?     ? ? 
hydrog13 hydrog ?    ? A A   6  N1    ? ? ? 1_555 A U   11 N3 ? ? A A   6  A U   11 4_555 ? ? ? ? ? ? WATSON-CRICK    ?     ? ? 
hydrog14 hydrog ?    ? A A   6  N6    ? ? ? 1_555 A U   11 O4 ? ? A A   6  A U   11 4_555 ? ? ? ? ? ? WATSON-CRICK    ?     ? ? 
hydrog15 hydrog ?    ? A G   7  N1    ? ? ? 1_555 A C   10 N3 ? ? A G   7  A C   10 4_555 ? ? ? ? ? ? WATSON-CRICK    ?     ? ? 
hydrog16 hydrog ?    ? A G   7  N2    ? ? ? 1_555 A C   10 O2 ? ? A G   7  A C   10 4_555 ? ? ? ? ? ? WATSON-CRICK    ?     ? ? 
hydrog17 hydrog ?    ? A G   7  O6    ? ? ? 1_555 A C   10 N4 ? ? A G   7  A C   10 4_555 ? ? ? ? ? ? WATSON-CRICK    ?     ? ? 
hydrog18 hydrog ?    ? A N6G 8  N2    ? ? ? 1_555 A U   9  O2 ? ? A N6G 8  A U   9  4_555 ? ? ? ? ? ? 'N6G-U MISPAIR' ?     ? ? 
hydrog19 hydrog ?    ? A U   9  O2    ? ? ? 1_555 A N6G 8  N2 ? ? A U   9  A N6G 8  4_555 ? ? ? ? ? ? 'U-N6G MISPAIR' ?     ? ? 
hydrog20 hydrog ?    ? A C   10 N3    ? ? ? 1_555 A G   7  N1 ? ? A C   10 A G   7  4_555 ? ? ? ? ? ? WATSON-CRICK    ?     ? ? 
hydrog21 hydrog ?    ? A C   10 N4    ? ? ? 1_555 A G   7  O6 ? ? A C   10 A G   7  4_555 ? ? ? ? ? ? WATSON-CRICK    ?     ? ? 
hydrog22 hydrog ?    ? A C   10 O2    ? ? ? 1_555 A G   7  N2 ? ? A C   10 A G   7  4_555 ? ? ? ? ? ? WATSON-CRICK    ?     ? ? 
hydrog23 hydrog ?    ? A U   11 N3    ? ? ? 1_555 A A   6  N1 ? ? A U   11 A A   6  4_555 ? ? ? ? ? ? WATSON-CRICK    ?     ? ? 
hydrog24 hydrog ?    ? A U   11 O4    ? ? ? 1_555 A A   6  N6 ? ? A U   11 A A   6  4_555 ? ? ? ? ? ? WATSON-CRICK    ?     ? ? 
hydrog25 hydrog ?    ? A U   12 N3    ? ? ? 1_555 A A   5  N1 ? ? A U   12 A A   5  4_555 ? ? ? ? ? ? WATSON-CRICK    ?     ? ? 
hydrog26 hydrog ?    ? A U   12 O4    ? ? ? 1_555 A A   5  N6 ? ? A U   12 A A   5  4_555 ? ? ? ? ? ? WATSON-CRICK    ?     ? ? 
hydrog27 hydrog ?    ? A C   13 N3    ? ? ? 1_555 A G   4  N1 ? ? A C   13 A G   4  4_555 ? ? ? ? ? ? WATSON-CRICK    ?     ? ? 
hydrog28 hydrog ?    ? A C   13 N4    ? ? ? 1_555 A G   4  O6 ? ? A C   13 A G   4  4_555 ? ? ? ? ? ? WATSON-CRICK    ?     ? ? 
hydrog29 hydrog ?    ? A C   13 O2    ? ? ? 1_555 A G   4  N2 ? ? A C   13 A G   4  4_555 ? ? ? ? ? ? WATSON-CRICK    ?     ? ? 
hydrog30 hydrog ?    ? A U   14 N3    ? ? ? 1_555 A A   3  N1 ? ? A U   14 A A   3  4_555 ? ? ? ? ? ? WATSON-CRICK    ?     ? ? 
hydrog31 hydrog ?    ? A U   14 O4    ? ? ? 1_555 A A   3  N6 ? ? A U   14 A A   3  4_555 ? ? ? ? ? ? WATSON-CRICK    ?     ? ? 
hydrog32 hydrog ?    ? A C   15 N3    ? ? ? 1_555 A G   2  N1 ? ? A C   15 A G   2  4_555 ? ? ? ? ? ? WATSON-CRICK    ?     ? ? 
hydrog33 hydrog ?    ? A C   15 N4    ? ? ? 1_555 A G   2  O6 ? ? A C   15 A G   2  4_555 ? ? ? ? ? ? WATSON-CRICK    ?     ? ? 
hydrog34 hydrog ?    ? A C   15 O2    ? ? ? 1_555 A G   2  N2 ? ? A C   15 A G   2  4_555 ? ? ? ? ? ? WATSON-CRICK    ?     ? ? 
hydrog35 hydrog ?    ? A U   16 N3    ? ? ? 1_555 A A   1  N1 ? ? A U   16 A A   1  4_555 ? ? ? ? ? ? WATSON-CRICK    ?     ? ? 
hydrog36 hydrog ?    ? A U   16 O4    ? ? ? 1_555 A A   1  N6 ? ? A U   16 A A   1  4_555 ? ? ? ? ? ? WATSON-CRICK    ?     ? ? 
# 
loop_
_struct_conn_type.id 
_struct_conn_type.criteria 
_struct_conn_type.reference 
covale ? ? 
hydrog ? ? 
# 
loop_
_pdbx_validate_close_contact.id 
_pdbx_validate_close_contact.PDB_model_num 
_pdbx_validate_close_contact.auth_atom_id_1 
_pdbx_validate_close_contact.auth_asym_id_1 
_pdbx_validate_close_contact.auth_comp_id_1 
_pdbx_validate_close_contact.auth_seq_id_1 
_pdbx_validate_close_contact.PDB_ins_code_1 
_pdbx_validate_close_contact.label_alt_id_1 
_pdbx_validate_close_contact.auth_atom_id_2 
_pdbx_validate_close_contact.auth_asym_id_2 
_pdbx_validate_close_contact.auth_comp_id_2 
_pdbx_validate_close_contact.auth_seq_id_2 
_pdbx_validate_close_contact.PDB_ins_code_2 
_pdbx_validate_close_contact.label_alt_id_2 
_pdbx_validate_close_contact.dist 
1 1 O A HOH 206 ? ? O A HOH 220 ? ? 2.10 
2 1 O A HOH 208 ? ? O A HOH 268 ? ? 2.12 
3 1 O A HOH 223 ? ? O A HOH 267 ? ? 2.13 
4 1 O A HOH 209 ? ? O A HOH 224 ? ? 2.15 
# 
loop_
_pdbx_struct_special_symmetry.id 
_pdbx_struct_special_symmetry.PDB_model_num 
_pdbx_struct_special_symmetry.auth_asym_id 
_pdbx_struct_special_symmetry.auth_comp_id 
_pdbx_struct_special_symmetry.auth_seq_id 
_pdbx_struct_special_symmetry.PDB_ins_code 
_pdbx_struct_special_symmetry.label_asym_id 
_pdbx_struct_special_symmetry.label_comp_id 
_pdbx_struct_special_symmetry.label_seq_id 
1 1 A HOH 221 ? C HOH . 
2 1 A HOH 240 ? C HOH . 
3 1 A HOH 249 ? C HOH . 
4 1 A HOH 261 ? C HOH . 
5 1 A HOH 265 ? C HOH . 
# 
loop_
_chem_comp_atom.comp_id 
_chem_comp_atom.atom_id 
_chem_comp_atom.type_symbol 
_chem_comp_atom.pdbx_aromatic_flag 
_chem_comp_atom.pdbx_stereo_config 
_chem_comp_atom.pdbx_ordinal 
A   OP3    O  N N 1   
A   P      P  N N 2   
A   OP1    O  N N 3   
A   OP2    O  N N 4   
A   "O5'"  O  N N 5   
A   "C5'"  C  N N 6   
A   "C4'"  C  N R 7   
A   "O4'"  O  N N 8   
A   "C3'"  C  N S 9   
A   "O3'"  O  N N 10  
A   "C2'"  C  N R 11  
A   "O2'"  O  N N 12  
A   "C1'"  C  N R 13  
A   N9     N  Y N 14  
A   C8     C  Y N 15  
A   N7     N  Y N 16  
A   C5     C  Y N 17  
A   C6     C  Y N 18  
A   N6     N  N N 19  
A   N1     N  Y N 20  
A   C2     C  Y N 21  
A   N3     N  Y N 22  
A   C4     C  Y N 23  
A   HOP3   H  N N 24  
A   HOP2   H  N N 25  
A   "H5'"  H  N N 26  
A   "H5''" H  N N 27  
A   "H4'"  H  N N 28  
A   "H3'"  H  N N 29  
A   "HO3'" H  N N 30  
A   "H2'"  H  N N 31  
A   "HO2'" H  N N 32  
A   "H1'"  H  N N 33  
A   H8     H  N N 34  
A   H61    H  N N 35  
A   H62    H  N N 36  
A   H2     H  N N 37  
C   OP3    O  N N 38  
C   P      P  N N 39  
C   OP1    O  N N 40  
C   OP2    O  N N 41  
C   "O5'"  O  N N 42  
C   "C5'"  C  N N 43  
C   "C4'"  C  N R 44  
C   "O4'"  O  N N 45  
C   "C3'"  C  N S 46  
C   "O3'"  O  N N 47  
C   "C2'"  C  N R 48  
C   "O2'"  O  N N 49  
C   "C1'"  C  N R 50  
C   N1     N  N N 51  
C   C2     C  N N 52  
C   O2     O  N N 53  
C   N3     N  N N 54  
C   C4     C  N N 55  
C   N4     N  N N 56  
C   C5     C  N N 57  
C   C6     C  N N 58  
C   HOP3   H  N N 59  
C   HOP2   H  N N 60  
C   "H5'"  H  N N 61  
C   "H5''" H  N N 62  
C   "H4'"  H  N N 63  
C   "H3'"  H  N N 64  
C   "HO3'" H  N N 65  
C   "H2'"  H  N N 66  
C   "HO2'" H  N N 67  
C   "H1'"  H  N N 68  
C   H41    H  N N 69  
C   H42    H  N N 70  
C   H5     H  N N 71  
C   H6     H  N N 72  
G   OP3    O  N N 73  
G   P      P  N N 74  
G   OP1    O  N N 75  
G   OP2    O  N N 76  
G   "O5'"  O  N N 77  
G   "C5'"  C  N N 78  
G   "C4'"  C  N R 79  
G   "O4'"  O  N N 80  
G   "C3'"  C  N S 81  
G   "O3'"  O  N N 82  
G   "C2'"  C  N R 83  
G   "O2'"  O  N N 84  
G   "C1'"  C  N R 85  
G   N9     N  Y N 86  
G   C8     C  Y N 87  
G   N7     N  Y N 88  
G   C5     C  Y N 89  
G   C6     C  N N 90  
G   O6     O  N N 91  
G   N1     N  N N 92  
G   C2     C  N N 93  
G   N2     N  N N 94  
G   N3     N  N N 95  
G   C4     C  Y N 96  
G   HOP3   H  N N 97  
G   HOP2   H  N N 98  
G   "H5'"  H  N N 99  
G   "H5''" H  N N 100 
G   "H4'"  H  N N 101 
G   "H3'"  H  N N 102 
G   "HO3'" H  N N 103 
G   "H2'"  H  N N 104 
G   "HO2'" H  N N 105 
G   "H1'"  H  N N 106 
G   H8     H  N N 107 
G   H1     H  N N 108 
G   H21    H  N N 109 
G   H22    H  N N 110 
HOH O      O  N N 111 
HOH H1     H  N N 112 
HOH H2     H  N N 113 
N6G P      P  N N 114 
N6G OP1    O  N N 115 
N6G OP2    O  N N 116 
N6G "O5'"  O  N N 117 
N6G "C5'"  C  N N 118 
N6G "C4'"  C  N R 119 
N6G "O4'"  O  N N 120 
N6G "C1'"  C  N R 121 
N6G N9     N  Y N 122 
N6G C4     C  Y N 123 
N6G N3     N  Y N 124 
N6G C2     C  Y N 125 
N6G N2     N  N N 126 
N6G N1     N  Y N 127 
N6G C6     C  Y N 128 
N6G N6     N  N N 129 
N6G C5     C  Y N 130 
N6G N7     N  Y N 131 
N6G C8     C  Y N 132 
N6G "C2'"  C  N R 133 
N6G "O2'"  O  N N 134 
N6G "C3'"  C  N S 135 
N6G "O3'"  O  N N 136 
N6G OP3    O  N N 137 
N6G HOP2   H  N N 138 
N6G "H5'"  H  N N 139 
N6G "H5''" H  N N 140 
N6G "H4'"  H  N N 141 
N6G "H1'"  H  N N 142 
N6G HN21   H  N N 143 
N6G HN22   H  N N 144 
N6G HN61   H  N N 145 
N6G HN62   H  N N 146 
N6G H8     H  N N 147 
N6G "H2'"  H  N N 148 
N6G "HO2'" H  N N 149 
N6G "H3'"  H  N N 150 
N6G "HO3'" H  N N 151 
N6G HOP3   H  N N 152 
NCO CO     CO N N 153 
NCO N1     N  N N 154 
NCO N2     N  N N 155 
NCO N3     N  N N 156 
NCO N4     N  N N 157 
NCO N5     N  N N 158 
NCO N6     N  N N 159 
NCO HN11   H  N N 160 
NCO HN12   H  N N 161 
NCO HN13   H  N N 162 
NCO HN21   H  N N 163 
NCO HN22   H  N N 164 
NCO HN23   H  N N 165 
NCO HN31   H  N N 166 
NCO HN32   H  N N 167 
NCO HN33   H  N N 168 
NCO HN41   H  N N 169 
NCO HN42   H  N N 170 
NCO HN43   H  N N 171 
NCO HN51   H  N N 172 
NCO HN52   H  N N 173 
NCO HN53   H  N N 174 
NCO HN61   H  N N 175 
NCO HN62   H  N N 176 
NCO HN63   H  N N 177 
U   OP3    O  N N 178 
U   P      P  N N 179 
U   OP1    O  N N 180 
U   OP2    O  N N 181 
U   "O5'"  O  N N 182 
U   "C5'"  C  N N 183 
U   "C4'"  C  N R 184 
U   "O4'"  O  N N 185 
U   "C3'"  C  N S 186 
U   "O3'"  O  N N 187 
U   "C2'"  C  N R 188 
U   "O2'"  O  N N 189 
U   "C1'"  C  N R 190 
U   N1     N  N N 191 
U   C2     C  N N 192 
U   O2     O  N N 193 
U   N3     N  N N 194 
U   C4     C  N N 195 
U   O4     O  N N 196 
U   C5     C  N N 197 
U   C6     C  N N 198 
U   HOP3   H  N N 199 
U   HOP2   H  N N 200 
U   "H5'"  H  N N 201 
U   "H5''" H  N N 202 
U   "H4'"  H  N N 203 
U   "H3'"  H  N N 204 
U   "HO3'" H  N N 205 
U   "H2'"  H  N N 206 
U   "HO2'" H  N N 207 
U   "H1'"  H  N N 208 
U   H3     H  N N 209 
U   H5     H  N N 210 
U   H6     H  N N 211 
# 
loop_
_chem_comp_bond.comp_id 
_chem_comp_bond.atom_id_1 
_chem_comp_bond.atom_id_2 
_chem_comp_bond.value_order 
_chem_comp_bond.pdbx_aromatic_flag 
_chem_comp_bond.pdbx_stereo_config 
_chem_comp_bond.pdbx_ordinal 
A   OP3   P      sing N N 1   
A   OP3   HOP3   sing N N 2   
A   P     OP1    doub N N 3   
A   P     OP2    sing N N 4   
A   P     "O5'"  sing N N 5   
A   OP2   HOP2   sing N N 6   
A   "O5'" "C5'"  sing N N 7   
A   "C5'" "C4'"  sing N N 8   
A   "C5'" "H5'"  sing N N 9   
A   "C5'" "H5''" sing N N 10  
A   "C4'" "O4'"  sing N N 11  
A   "C4'" "C3'"  sing N N 12  
A   "C4'" "H4'"  sing N N 13  
A   "O4'" "C1'"  sing N N 14  
A   "C3'" "O3'"  sing N N 15  
A   "C3'" "C2'"  sing N N 16  
A   "C3'" "H3'"  sing N N 17  
A   "O3'" "HO3'" sing N N 18  
A   "C2'" "O2'"  sing N N 19  
A   "C2'" "C1'"  sing N N 20  
A   "C2'" "H2'"  sing N N 21  
A   "O2'" "HO2'" sing N N 22  
A   "C1'" N9     sing N N 23  
A   "C1'" "H1'"  sing N N 24  
A   N9    C8     sing Y N 25  
A   N9    C4     sing Y N 26  
A   C8    N7     doub Y N 27  
A   C8    H8     sing N N 28  
A   N7    C5     sing Y N 29  
A   C5    C6     sing Y N 30  
A   C5    C4     doub Y N 31  
A   C6    N6     sing N N 32  
A   C6    N1     doub Y N 33  
A   N6    H61    sing N N 34  
A   N6    H62    sing N N 35  
A   N1    C2     sing Y N 36  
A   C2    N3     doub Y N 37  
A   C2    H2     sing N N 38  
A   N3    C4     sing Y N 39  
C   OP3   P      sing N N 40  
C   OP3   HOP3   sing N N 41  
C   P     OP1    doub N N 42  
C   P     OP2    sing N N 43  
C   P     "O5'"  sing N N 44  
C   OP2   HOP2   sing N N 45  
C   "O5'" "C5'"  sing N N 46  
C   "C5'" "C4'"  sing N N 47  
C   "C5'" "H5'"  sing N N 48  
C   "C5'" "H5''" sing N N 49  
C   "C4'" "O4'"  sing N N 50  
C   "C4'" "C3'"  sing N N 51  
C   "C4'" "H4'"  sing N N 52  
C   "O4'" "C1'"  sing N N 53  
C   "C3'" "O3'"  sing N N 54  
C   "C3'" "C2'"  sing N N 55  
C   "C3'" "H3'"  sing N N 56  
C   "O3'" "HO3'" sing N N 57  
C   "C2'" "O2'"  sing N N 58  
C   "C2'" "C1'"  sing N N 59  
C   "C2'" "H2'"  sing N N 60  
C   "O2'" "HO2'" sing N N 61  
C   "C1'" N1     sing N N 62  
C   "C1'" "H1'"  sing N N 63  
C   N1    C2     sing N N 64  
C   N1    C6     sing N N 65  
C   C2    O2     doub N N 66  
C   C2    N3     sing N N 67  
C   N3    C4     doub N N 68  
C   C4    N4     sing N N 69  
C   C4    C5     sing N N 70  
C   N4    H41    sing N N 71  
C   N4    H42    sing N N 72  
C   C5    C6     doub N N 73  
C   C5    H5     sing N N 74  
C   C6    H6     sing N N 75  
G   OP3   P      sing N N 76  
G   OP3   HOP3   sing N N 77  
G   P     OP1    doub N N 78  
G   P     OP2    sing N N 79  
G   P     "O5'"  sing N N 80  
G   OP2   HOP2   sing N N 81  
G   "O5'" "C5'"  sing N N 82  
G   "C5'" "C4'"  sing N N 83  
G   "C5'" "H5'"  sing N N 84  
G   "C5'" "H5''" sing N N 85  
G   "C4'" "O4'"  sing N N 86  
G   "C4'" "C3'"  sing N N 87  
G   "C4'" "H4'"  sing N N 88  
G   "O4'" "C1'"  sing N N 89  
G   "C3'" "O3'"  sing N N 90  
G   "C3'" "C2'"  sing N N 91  
G   "C3'" "H3'"  sing N N 92  
G   "O3'" "HO3'" sing N N 93  
G   "C2'" "O2'"  sing N N 94  
G   "C2'" "C1'"  sing N N 95  
G   "C2'" "H2'"  sing N N 96  
G   "O2'" "HO2'" sing N N 97  
G   "C1'" N9     sing N N 98  
G   "C1'" "H1'"  sing N N 99  
G   N9    C8     sing Y N 100 
G   N9    C4     sing Y N 101 
G   C8    N7     doub Y N 102 
G   C8    H8     sing N N 103 
G   N7    C5     sing Y N 104 
G   C5    C6     sing N N 105 
G   C5    C4     doub Y N 106 
G   C6    O6     doub N N 107 
G   C6    N1     sing N N 108 
G   N1    C2     sing N N 109 
G   N1    H1     sing N N 110 
G   C2    N2     sing N N 111 
G   C2    N3     doub N N 112 
G   N2    H21    sing N N 113 
G   N2    H22    sing N N 114 
G   N3    C4     sing N N 115 
HOH O     H1     sing N N 116 
HOH O     H2     sing N N 117 
N6G P     OP1    doub N N 118 
N6G P     OP2    sing N N 119 
N6G P     "O5'"  sing N N 120 
N6G P     OP3    sing N N 121 
N6G OP2   HOP2   sing N N 122 
N6G "O5'" "C5'"  sing N N 123 
N6G "C5'" "C4'"  sing N N 124 
N6G "C5'" "H5'"  sing N N 125 
N6G "C5'" "H5''" sing N N 126 
N6G "C4'" "O4'"  sing N N 127 
N6G "C4'" "C3'"  sing N N 128 
N6G "C4'" "H4'"  sing N N 129 
N6G "O4'" "C1'"  sing N N 130 
N6G "C1'" N9     sing N N 131 
N6G "C1'" "C2'"  sing N N 132 
N6G "C1'" "H1'"  sing N N 133 
N6G N9    C4     sing Y N 134 
N6G N9    C8     sing Y N 135 
N6G C4    N3     sing Y N 136 
N6G C4    C5     doub Y N 137 
N6G N3    C2     doub Y N 138 
N6G C2    N2     sing N N 139 
N6G C2    N1     sing Y N 140 
N6G N2    HN21   sing N N 141 
N6G N2    HN22   sing N N 142 
N6G N1    C6     doub Y N 143 
N6G C6    N6     sing N N 144 
N6G C6    C5     sing Y N 145 
N6G N6    HN61   sing N N 146 
N6G N6    HN62   sing N N 147 
N6G C5    N7     sing Y N 148 
N6G N7    C8     doub Y N 149 
N6G C8    H8     sing N N 150 
N6G "C2'" "O2'"  sing N N 151 
N6G "C2'" "C3'"  sing N N 152 
N6G "C2'" "H2'"  sing N N 153 
N6G "O2'" "HO2'" sing N N 154 
N6G "C3'" "O3'"  sing N N 155 
N6G "C3'" "H3'"  sing N N 156 
N6G "O3'" "HO3'" sing N N 157 
N6G OP3   HOP3   sing N N 158 
NCO CO    N1     sing N N 159 
NCO CO    N2     sing N N 160 
NCO CO    N3     sing N N 161 
NCO CO    N4     sing N N 162 
NCO CO    N5     sing N N 163 
NCO CO    N6     sing N N 164 
NCO N1    HN11   sing N N 165 
NCO N1    HN12   sing N N 166 
NCO N1    HN13   sing N N 167 
NCO N2    HN21   sing N N 168 
NCO N2    HN22   sing N N 169 
NCO N2    HN23   sing N N 170 
NCO N3    HN31   sing N N 171 
NCO N3    HN32   sing N N 172 
NCO N3    HN33   sing N N 173 
NCO N4    HN41   sing N N 174 
NCO N4    HN42   sing N N 175 
NCO N4    HN43   sing N N 176 
NCO N5    HN51   sing N N 177 
NCO N5    HN52   sing N N 178 
NCO N5    HN53   sing N N 179 
NCO N6    HN61   sing N N 180 
NCO N6    HN62   sing N N 181 
NCO N6    HN63   sing N N 182 
U   OP3   P      sing N N 183 
U   OP3   HOP3   sing N N 184 
U   P     OP1    doub N N 185 
U   P     OP2    sing N N 186 
U   P     "O5'"  sing N N 187 
U   OP2   HOP2   sing N N 188 
U   "O5'" "C5'"  sing N N 189 
U   "C5'" "C4'"  sing N N 190 
U   "C5'" "H5'"  sing N N 191 
U   "C5'" "H5''" sing N N 192 
U   "C4'" "O4'"  sing N N 193 
U   "C4'" "C3'"  sing N N 194 
U   "C4'" "H4'"  sing N N 195 
U   "O4'" "C1'"  sing N N 196 
U   "C3'" "O3'"  sing N N 197 
U   "C3'" "C2'"  sing N N 198 
U   "C3'" "H3'"  sing N N 199 
U   "O3'" "HO3'" sing N N 200 
U   "C2'" "O2'"  sing N N 201 
U   "C2'" "C1'"  sing N N 202 
U   "C2'" "H2'"  sing N N 203 
U   "O2'" "HO2'" sing N N 204 
U   "C1'" N1     sing N N 205 
U   "C1'" "H1'"  sing N N 206 
U   N1    C2     sing N N 207 
U   N1    C6     sing N N 208 
U   C2    O2     doub N N 209 
U   C2    N3     sing N N 210 
U   N3    C4     sing N N 211 
U   N3    H3     sing N N 212 
U   C4    O4     doub N N 213 
U   C4    C5     sing N N 214 
U   C5    C6     doub N N 215 
U   C5    H5     sing N N 216 
U   C6    H6     sing N N 217 
# 
loop_
_ndb_struct_conf_na.entry_id 
_ndb_struct_conf_na.feature 
8TDZ 'a-form double helix'  
8TDZ 'mismatched base pair' 
# 
loop_
_ndb_struct_na_base_pair.model_number 
_ndb_struct_na_base_pair.i_label_asym_id 
_ndb_struct_na_base_pair.i_label_comp_id 
_ndb_struct_na_base_pair.i_label_seq_id 
_ndb_struct_na_base_pair.i_symmetry 
_ndb_struct_na_base_pair.j_label_asym_id 
_ndb_struct_na_base_pair.j_label_comp_id 
_ndb_struct_na_base_pair.j_label_seq_id 
_ndb_struct_na_base_pair.j_symmetry 
_ndb_struct_na_base_pair.shear 
_ndb_struct_na_base_pair.stretch 
_ndb_struct_na_base_pair.stagger 
_ndb_struct_na_base_pair.buckle 
_ndb_struct_na_base_pair.propeller 
_ndb_struct_na_base_pair.opening 
_ndb_struct_na_base_pair.pair_number 
_ndb_struct_na_base_pair.pair_name 
_ndb_struct_na_base_pair.i_auth_asym_id 
_ndb_struct_na_base_pair.i_auth_seq_id 
_ndb_struct_na_base_pair.i_PDB_ins_code 
_ndb_struct_na_base_pair.j_auth_asym_id 
_ndb_struct_na_base_pair.j_auth_seq_id 
_ndb_struct_na_base_pair.j_PDB_ins_code 
_ndb_struct_na_base_pair.hbond_type_28 
_ndb_struct_na_base_pair.hbond_type_12 
1 A A   1  1_555 A U   16 4_555 0.004  -0.117 0.166  -1.249 -8.775  0.309  1  A_A1:U16_A  A 1  ? A 16 ? 20 1 
1 A G   2  1_555 A C   15 4_555 -0.247 -0.202 0.005  -2.648 -13.129 -1.086 2  A_G2:C15_A  A 2  ? A 15 ? 19 1 
1 A A   3  1_555 A U   14 4_555 0.000  -0.122 0.052  -3.013 -13.095 1.537  3  A_A3:U14_A  A 3  ? A 14 ? 20 1 
1 A G   4  1_555 A C   13 4_555 -0.417 -0.154 -0.045 -2.032 -8.454  -1.734 4  A_G4:C13_A  A 4  ? A 13 ? 19 1 
1 A A   5  1_555 A U   12 4_555 -0.016 -0.167 -0.086 -5.273 -7.249  2.976  5  A_A5:U12_A  A 5  ? A 12 ? 20 1 
1 A A   6  1_555 A U   11 4_555 0.049  -0.047 -0.071 -4.605 -12.342 2.122  6  A_A6:U11_A  A 6  ? A 11 ? 20 1 
1 A G   7  1_555 A C   10 4_555 -0.172 -0.135 0.074  -2.936 -8.271  0.516  7  A_G7:C10_A  A 7  ? A 10 ? 19 1 
1 A N6G 8  1_555 A U   9  4_555 -0.132 -0.178 0.033  -0.448 -8.487  -4.280 8  A_N6G8:U9_A A 8  ? A 9  ? ?  1 
1 A U   9  1_555 A N6G 8  4_555 0.132  -0.178 0.033  0.448  -8.487  -4.280 9  A_U9:N6G8_A A 9  ? A 8  ? ?  1 
1 A C   10 1_555 A G   7  4_555 0.172  -0.135 0.074  2.936  -8.271  0.516  10 A_C10:G7_A  A 10 ? A 7  ? 19 1 
1 A U   11 1_555 A A   6  4_555 -0.049 -0.047 -0.071 4.605  -12.342 2.122  11 A_U11:A6_A  A 11 ? A 6  ? 20 1 
1 A U   12 1_555 A A   5  4_555 0.016  -0.167 -0.086 5.273  -7.249  2.976  12 A_U12:A5_A  A 12 ? A 5  ? 20 1 
1 A C   13 1_555 A G   4  4_555 0.417  -0.154 -0.045 2.032  -8.454  -1.734 13 A_C13:G4_A  A 13 ? A 4  ? 19 1 
1 A U   14 1_555 A A   3  4_555 0.000  -0.122 0.052  3.013  -13.095 1.537  14 A_U14:A3_A  A 14 ? A 3  ? 20 1 
1 A C   15 1_555 A G   2  4_555 0.247  -0.202 0.005  2.648  -13.129 -1.086 15 A_C15:G2_A  A 15 ? A 2  ? 19 1 
1 A U   16 1_555 A A   1  4_555 -0.004 -0.117 0.166  1.249  -8.775  0.309  16 A_U16:A1_A  A 16 ? A 1  ? 20 1 
# 
loop_
_ndb_struct_na_base_pair_step.model_number 
_ndb_struct_na_base_pair_step.i_label_asym_id_1 
_ndb_struct_na_base_pair_step.i_label_comp_id_1 
_ndb_struct_na_base_pair_step.i_label_seq_id_1 
_ndb_struct_na_base_pair_step.i_symmetry_1 
_ndb_struct_na_base_pair_step.j_label_asym_id_1 
_ndb_struct_na_base_pair_step.j_label_comp_id_1 
_ndb_struct_na_base_pair_step.j_label_seq_id_1 
_ndb_struct_na_base_pair_step.j_symmetry_1 
_ndb_struct_na_base_pair_step.i_label_asym_id_2 
_ndb_struct_na_base_pair_step.i_label_comp_id_2 
_ndb_struct_na_base_pair_step.i_label_seq_id_2 
_ndb_struct_na_base_pair_step.i_symmetry_2 
_ndb_struct_na_base_pair_step.j_label_asym_id_2 
_ndb_struct_na_base_pair_step.j_label_comp_id_2 
_ndb_struct_na_base_pair_step.j_label_seq_id_2 
_ndb_struct_na_base_pair_step.j_symmetry_2 
_ndb_struct_na_base_pair_step.shift 
_ndb_struct_na_base_pair_step.slide 
_ndb_struct_na_base_pair_step.rise 
_ndb_struct_na_base_pair_step.tilt 
_ndb_struct_na_base_pair_step.roll 
_ndb_struct_na_base_pair_step.twist 
_ndb_struct_na_base_pair_step.x_displacement 
_ndb_struct_na_base_pair_step.y_displacement 
_ndb_struct_na_base_pair_step.helical_rise 
_ndb_struct_na_base_pair_step.inclination 
_ndb_struct_na_base_pair_step.tip 
_ndb_struct_na_base_pair_step.helical_twist 
_ndb_struct_na_base_pair_step.step_number 
_ndb_struct_na_base_pair_step.step_name 
_ndb_struct_na_base_pair_step.i_auth_asym_id_1 
_ndb_struct_na_base_pair_step.i_auth_seq_id_1 
_ndb_struct_na_base_pair_step.i_PDB_ins_code_1 
_ndb_struct_na_base_pair_step.j_auth_asym_id_1 
_ndb_struct_na_base_pair_step.j_auth_seq_id_1 
_ndb_struct_na_base_pair_step.j_PDB_ins_code_1 
_ndb_struct_na_base_pair_step.i_auth_asym_id_2 
_ndb_struct_na_base_pair_step.i_auth_seq_id_2 
_ndb_struct_na_base_pair_step.i_PDB_ins_code_2 
_ndb_struct_na_base_pair_step.j_auth_asym_id_2 
_ndb_struct_na_base_pair_step.j_auth_seq_id_2 
_ndb_struct_na_base_pair_step.j_PDB_ins_code_2 
1 A A   1  1_555 A U   16 4_555 A G   2  1_555 A C   15 4_555 -0.523 -1.224 3.216 -0.744 6.443  34.369 -2.963 0.763  2.955 10.783 
1.246  34.958 1  AA_A1G2:C15U16_AA   A 1  ? A 16 ? A 2  ? A 15 ? 
1 A G   2  1_555 A C   15 4_555 A A   3  1_555 A U   14 4_555 0.629  -1.460 3.206 0.701  5.269  33.516 -3.304 -0.972 2.961 9.067  
-1.206 33.923 2  AA_G2A3:U14C15_AA   A 2  ? A 15 ? A 3  ? A 14 ? 
1 A A   3  1_555 A U   14 4_555 A G   4  1_555 A C   13 4_555 -0.434 -1.645 3.178 -1.804 9.507  30.656 -4.513 0.493  2.586 17.445 
3.310  32.112 3  AA_A3G4:C13U14_AA   A 3  ? A 14 ? A 4  ? A 13 ? 
1 A G   4  1_555 A C   13 4_555 A A   5  1_555 A U   12 4_555 0.376  -1.670 3.350 0.154  12.160 31.191 -4.781 -0.630 2.541 21.613 
-0.273 33.423 4  AA_G4A5:U12C13_AA   A 4  ? A 13 ? A 5  ? A 12 ? 
1 A A   5  1_555 A U   12 4_555 A A   6  1_555 A U   11 4_555 0.511  -1.703 3.213 2.761  11.218 32.315 -4.488 -0.474 2.532 19.397 
-4.775 34.266 5  AA_A5A6:U11U12_AA   A 5  ? A 12 ? A 6  ? A 11 ? 
1 A A   6  1_555 A U   11 4_555 A G   7  1_555 A C   10 4_555 0.030  -1.989 3.129 0.046  8.497  27.080 -5.758 -0.052 2.406 17.603 
-0.095 28.358 6  AA_A6G7:C10U11_AA   A 6  ? A 11 ? A 7  ? A 10 ? 
1 A G   7  1_555 A C   10 4_555 A N6G 8  1_555 A U   9  4_555 -0.857 -1.896 3.129 -1.376 6.190  31.466 -4.441 1.325  2.750 11.271 
2.505  32.083 7  AA_G7N6G8:U9C10_AA  A 7  ? A 10 ? A 8  ? A 9  ? 
1 A N6G 8  1_555 A U   9  4_555 A U   9  1_555 A N6G 8  4_555 0.000  -1.396 3.217 0.000  6.426  32.952 -3.413 0.000  2.901 11.196 
0.000  33.556 8  AA_N6G8U9:N6G8U9_AA A 8  ? A 9  ? A 9  ? A 8  ? 
1 A U   9  1_555 A N6G 8  4_555 A C   10 1_555 A G   7  4_555 0.857  -1.896 3.129 1.376  6.190  31.466 -4.441 -1.325 2.750 11.271 
-2.505 32.083 9  AA_U9C10:G7N6G8_AA  A 9  ? A 8  ? A 10 ? A 7  ? 
1 A C   10 1_555 A G   7  4_555 A U   11 1_555 A A   6  4_555 -0.030 -1.989 3.129 -0.046 8.497  27.080 -5.758 0.052  2.406 17.603 
0.095  28.358 10 AA_C10U11:A6G7_AA   A 10 ? A 7  ? A 11 ? A 6  ? 
1 A U   11 1_555 A A   6  4_555 A U   12 1_555 A A   5  4_555 -0.511 -1.703 3.213 -2.761 11.218 32.315 -4.488 0.474  2.532 19.397 
4.775  34.266 11 AA_U11U12:A5A6_AA   A 11 ? A 6  ? A 12 ? A 5  ? 
1 A U   12 1_555 A A   5  4_555 A C   13 1_555 A G   4  4_555 -0.376 -1.670 3.350 -0.154 12.160 31.191 -4.781 0.630  2.541 21.613 
0.273  33.423 12 AA_U12C13:G4A5_AA   A 12 ? A 5  ? A 13 ? A 4  ? 
1 A C   13 1_555 A G   4  4_555 A U   14 1_555 A A   3  4_555 0.434  -1.645 3.178 1.804  9.507  30.656 -4.513 -0.493 2.586 17.445 
-3.310 32.112 13 AA_C13U14:A3G4_AA   A 13 ? A 4  ? A 14 ? A 3  ? 
1 A U   14 1_555 A A   3  4_555 A C   15 1_555 A G   2  4_555 -0.629 -1.460 3.206 -0.701 5.269  33.516 -3.304 0.972  2.961 9.067  
1.206  33.923 14 AA_U14C15:G2A3_AA   A 14 ? A 3  ? A 15 ? A 2  ? 
1 A C   15 1_555 A G   2  4_555 A U   16 1_555 A A   1  4_555 0.523  -1.224 3.216 0.744  6.443  34.369 -2.963 -0.763 2.955 10.783 
-1.246 34.958 15 AA_C15U16:A1G2_AA   A 15 ? A 2  ? A 16 ? A 1  ? 
# 
loop_
_pdbx_audit_support.funding_organization 
_pdbx_audit_support.country 
_pdbx_audit_support.grant_number 
_pdbx_audit_support.ordinal 
'National Science Foundation (NSF, United States)' 'United States' 2104708 1 
'Simons Foundation'                                'United States' 290363  2 
# 
_pdbx_initial_refinement_model.id               1 
_pdbx_initial_refinement_model.entity_id_list   ? 
_pdbx_initial_refinement_model.type             'experimental model' 
_pdbx_initial_refinement_model.source_name      PDB 
_pdbx_initial_refinement_model.accession_code   3ND4 
_pdbx_initial_refinement_model.details          ? 
# 
_atom_sites.entry_id                    8TDZ 
_atom_sites.Cartn_transf_matrix[1][1]   ? 
_atom_sites.Cartn_transf_matrix[1][2]   ? 
_atom_sites.Cartn_transf_matrix[1][3]   ? 
_atom_sites.Cartn_transf_matrix[2][1]   ? 
_atom_sites.Cartn_transf_matrix[2][2]   ? 
_atom_sites.Cartn_transf_matrix[2][3]   ? 
_atom_sites.Cartn_transf_matrix[3][1]   ? 
_atom_sites.Cartn_transf_matrix[3][2]   ? 
_atom_sites.Cartn_transf_matrix[3][3]   ? 
_atom_sites.Cartn_transf_vector[1]      ? 
_atom_sites.Cartn_transf_vector[2]      ? 
_atom_sites.Cartn_transf_vector[3]      ? 
_atom_sites.fract_transf_matrix[1][1]   0.01881128 
_atom_sites.fract_transf_matrix[1][2]   -0.00590061 
_atom_sites.fract_transf_matrix[1][3]   0.01928348 
_atom_sites.fract_transf_matrix[2][1]   -0.00099003 
_atom_sites.fract_transf_matrix[2][2]   0.01256325 
_atom_sites.fract_transf_matrix[2][3]   0.02453020 
_atom_sites.fract_transf_matrix[3][1]   -0.00472707 
_atom_sites.fract_transf_matrix[3][2]   -0.00586949 
_atom_sites.fract_transf_matrix[3][3]   0.00281530 
_atom_sites.fract_transf_vector[1]      0.438619 
_atom_sites.fract_transf_vector[2]      0.408482 
_atom_sites.fract_transf_vector[3]      0.012305 
_atom_sites.solution_primary            ? 
_atom_sites.solution_secondary          ? 
_atom_sites.solution_hydrogens          ? 
_atom_sites.special_details             ? 
# 
loop_
_atom_type.symbol 
_atom_type.pdbx_scat_Z 
_atom_type.pdbx_N_electrons 
_atom_type.scat_Cromer_Mann_a1 
_atom_type.scat_Cromer_Mann_b1 
_atom_type.scat_Cromer_Mann_a2 
_atom_type.scat_Cromer_Mann_b2 
_atom_type.scat_Cromer_Mann_a3 
_atom_type.scat_Cromer_Mann_b3 
_atom_type.scat_Cromer_Mann_a4 
_atom_type.scat_Cromer_Mann_b4 
_atom_type.scat_Cromer_Mann_c 
C  6  6  2.3103  20.8439 1.0201 10.2075 1.5888 0.5687  0.8651 51.6512 0.2156   
CO 27 27 12.2891 4.2791  7.3439 0.2784  4.0050 13.5359 2.3498 71.1692 1.0122   
H  1  1  0.4930  10.5109 0.3229 26.1257 0.1402 3.1424  0.0408 57.7997 0.0030   
N  7  7  12.2220 0.0057  3.1346 9.8933  2.0141 28.9975 1.1672 0.5826  -11.5379 
O  8  8  3.0487  13.2771 2.2870 5.7011  1.5464 0.3239  0.8671 32.9089 0.2508   
P  15 15 6.4348  1.9067  4.1793 27.1570 1.7801 0.5260  1.4909 68.1645 1.1150   
# 
loop_
_atom_site.group_PDB 
_atom_site.id 
_atom_site.type_symbol 
_atom_site.label_atom_id 
_atom_site.label_alt_id 
_atom_site.label_comp_id 
_atom_site.label_asym_id 
_atom_site.label_entity_id 
_atom_site.label_seq_id 
_atom_site.pdbx_PDB_ins_code 
_atom_site.Cartn_x 
_atom_site.Cartn_y 
_atom_site.Cartn_z 
_atom_site.occupancy 
_atom_site.B_iso_or_equiv 
_atom_site.pdbx_formal_charge 
_atom_site.auth_seq_id 
_atom_site.auth_comp_id 
_atom_site.auth_asym_id 
_atom_site.auth_atom_id 
_atom_site.pdbx_PDB_model_num 
_atom_site.calc_flag 
ATOM   1   O  "O5'" . A   A 1 1  ? 11.42210  8.89885   -12.28703 1.000 17.77473 ? 1   A   A "O5'" 1 ? 
ATOM   2   C  "C5'" . A   A 1 1  ? 12.34551  7.87452   -12.61563 1.000 9.22320  ? 1   A   A "C5'" 1 ? 
ATOM   3   C  "C4'" . A   A 1 1  ? 13.59997  7.98094   -11.78928 1.000 7.36908  ? 1   A   A "C4'" 1 ? 
ATOM   4   O  "O4'" . A   A 1 1  ? 14.16317  9.30502   -11.92929 1.000 8.98235  ? 1   A   A "O4'" 1 ? 
ATOM   5   C  "C3'" . A   A 1 1  ? 13.42680  7.80174   -10.28826 1.000 9.09074  ? 1   A   A "C3'" 1 ? 
ATOM   6   O  "O3'" . A   A 1 1  ? 13.44143  6.43905   -9.92099  1.000 9.71307  ? 1   A   A "O3'" 1 ? 
ATOM   7   C  "C2'" . A   A 1 1  ? 14.60963  8.56488   -9.72116  1.000 10.98503 ? 1   A   A "C2'" 1 ? 
ATOM   8   O  "O2'" . A   A 1 1  ? 15.78976  7.78782   -9.85895  1.000 7.54452  ? 1   A   A "O2'" 1 ? 
ATOM   9   C  "C1'" . A   A 1 1  ? 14.69932  9.73374   -10.69440 1.000 8.00594  ? 1   A   A "C1'" 1 ? 
ATOM   10  N  N9    . A   A 1 1  ? 13.93512  10.91995  -10.26674 1.000 6.15066  ? 1   A   A N9    1 ? 
ATOM   11  C  C8    . A   A 1 1  ? 12.80359  11.42577  -10.86156 1.000 7.95367  ? 1   A   A C8    1 ? 
ATOM   12  N  N7    . A   A 1 1  ? 12.36803  12.53024  -10.29740 1.000 6.10113  ? 1   A   A N7    1 ? 
ATOM   13  C  C5    . A   A 1 1  ? 13.29629  12.77864  -9.29020  1.000 3.15716  ? 1   A   A C5    1 ? 
ATOM   14  C  C6    . A   A 1 1  ? 13.39985  13.80837  -8.34138  1.000 3.17341  ? 1   A   A C6    1 ? 
ATOM   15  N  N6    . A   A 1 1  ? 12.51852  14.79671  -8.26582  1.000 3.97384  ? 1   A   A N6    1 ? 
ATOM   16  N  N1    . A   A 1 1  ? 14.42749  13.77219  -7.46289  1.000 3.46002  ? 1   A   A N1    1 ? 
ATOM   17  C  C2    . A   A 1 1  ? 15.30657  12.75742  -7.56753  1.000 0.85726  ? 1   A   A C2    1 ? 
ATOM   18  N  N3    . A   A 1 1  ? 15.30756  11.72471  -8.41543  1.000 3.28823  ? 1   A   A N3    1 ? 
ATOM   19  C  C4    . A   A 1 1  ? 14.27110  11.80584  -9.26718  1.000 3.15700  ? 1   A   A C4    1 ? 
ATOM   20  P  P     . G   A 1 2  ? 12.60820  5.93790   -8.65141  1.000 10.65732 ? 2   G   A P     1 ? 
ATOM   21  O  OP1   . G   A 1 2  ? 12.62010  4.45486   -8.69929  1.000 18.66058 ? 2   G   A OP1   1 ? 
ATOM   22  O  OP2   . G   A 1 2  ? 11.32607  6.69336   -8.61737  1.000 9.78648  ? 2   G   A OP2   1 ? 
ATOM   23  O  "O5'" . G   A 1 2  ? 13.45826  6.41481   -7.39550  1.000 10.74919 ? 2   G   A "O5'" 1 ? 
ATOM   24  C  "C5'" . G   A 1 2  ? 14.70193  5.83034   -7.06295  1.000 10.37227 ? 2   G   A "C5'" 1 ? 
ATOM   25  C  "C4'" . G   A 1 2  ? 15.32375  6.53647   -5.88683  1.000 11.04491 ? 2   G   A "C4'" 1 ? 
ATOM   26  O  "O4'" . G   A 1 2  ? 15.69482  7.89222   -6.26614  1.000 10.63039 ? 2   G   A "O4'" 1 ? 
ATOM   27  C  "C3'" . G   A 1 2  ? 14.42339  6.73383   -4.67544  1.000 7.76081  ? 2   G   A "C3'" 1 ? 
ATOM   28  O  "O3'" . G   A 1 2  ? 14.30819  5.57643   -3.86693  1.000 9.40060  ? 2   G   A "O3'" 1 ? 
ATOM   29  C  "C2'" . G   A 1 2  ? 15.08486  7.91094   -3.97895  1.000 5.61647  ? 2   G   A "C2'" 1 ? 
ATOM   30  O  "O2'" . G   A 1 2  ? 16.26812  7.49880   -3.30748  1.000 8.14952  ? 2   G   A "O2'" 1 ? 
ATOM   31  C  "C1'" . G   A 1 2  ? 15.46920  8.77040   -5.17817  1.000 7.74964  ? 2   G   A "C1'" 1 ? 
ATOM   32  N  N9    . G   A 1 2  ? 14.36852  9.67194   -5.54818  1.000 5.07515  ? 2   G   A N9    1 ? 
ATOM   33  C  C8    . G   A 1 2  ? 13.45054  9.51244   -6.55684  1.000 3.77179  ? 2   G   A C8    1 ? 
ATOM   34  N  N7    . G   A 1 2  ? 12.58455  10.49490  -6.62578  1.000 5.42138  ? 2   G   A N7    1 ? 
ATOM   35  C  C5    . G   A 1 2  ? 12.97848  11.35535  -5.60315  1.000 2.97594  ? 2   G   A C5    1 ? 
ATOM   36  C  C6    . G   A 1 2  ? 12.42785  12.58717  -5.18746  1.000 2.17056  ? 2   G   A C6    1 ? 
ATOM   37  O  O6    . G   A 1 2  ? 11.46157  13.19285  -5.67043  1.000 4.29561  ? 2   G   A O6    1 ? 
ATOM   38  N  N1    . G   A 1 2  ? 13.11536  13.12906  -4.09416  1.000 4.41745  ? 2   G   A N1    1 ? 
ATOM   39  C  C2    . G   A 1 2  ? 14.20140  12.55260  -3.49126  1.000 3.28502  ? 2   G   A C2    1 ? 
ATOM   40  N  N2    . G   A 1 2  ? 14.71150  13.23327  -2.44128  1.000 3.32030  ? 2   G   A N2    1 ? 
ATOM   41  N  N3    . G   A 1 2  ? 14.72690  11.38719  -3.87280  1.000 3.46078  ? 2   G   A N3    1 ? 
ATOM   42  C  C4    . G   A 1 2  ? 14.06367  10.85941  -4.92767  1.000 2.35431  ? 2   G   A C4    1 ? 
ATOM   43  P  P     . A   A 1 3  ? 12.94903  5.26307   -3.07297  1.000 9.59358  ? 3   A   A P     1 ? 
ATOM   44  O  OP1   . A   A 1 3  ? 13.14801  3.95741   -2.39482  1.000 13.92886 ? 3   A   A OP1   1 ? 
ATOM   45  O  OP2   . A   A 1 3  ? 11.75729  5.46532   -3.93405  1.000 11.99753 ? 3   A   A OP2   1 ? 
ATOM   46  O  "O5'" . A   A 1 3  ? 12.90422  6.38517   -1.94552  1.000 9.92945  ? 3   A   A "O5'" 1 ? 
ATOM   47  C  "C5'" . A   A 1 3  ? 13.94983  6.49686   -0.99775  1.000 9.56999  ? 3   A   A "C5'" 1 ? 
ATOM   48  C  "C4'" . A   A 1 3  ? 13.84888  7.79126   -0.23916  1.000 9.12351  ? 3   A   A "C4'" 1 ? 
ATOM   49  O  "O4'" . A   A 1 3  ? 13.96816  8.92165   -1.14696  1.000 7.69549  ? 3   A   A "O4'" 1 ? 
ATOM   50  C  "C3'" . A   A 1 3  ? 12.52855  8.03731   0.45675   1.000 6.94886  ? 3   A   A "C3'" 1 ? 
ATOM   51  O  "O3'" . A   A 1 3  ? 12.40007  7.30906   1.65967   1.000 7.43804  ? 3   A   A "O3'" 1 ? 
ATOM   52  C  "C2'" . A   A 1 3  ? 12.54397  9.54385   0.64484   1.000 7.75088  ? 3   A   A "C2'" 1 ? 
ATOM   53  O  "O2'" . A   A 1 3  ? 13.42643  9.89184   1.69759   1.000 8.30570  ? 3   A   A "O2'" 1 ? 
ATOM   54  C  "C1'" . A   A 1 3  ? 13.17482  9.99335   -0.67649  1.000 7.47806  ? 3   A   A "C1'" 1 ? 
ATOM   55  N  N9    . A   A 1 3  ? 12.14635  10.30096  -1.68974  1.000 5.52676  ? 3   A   A N9    1 ? 
ATOM   56  C  C8    . A   A 1 3  ? 11.73492  9.52020   -2.73274  1.000 4.23143  ? 3   A   A C8    1 ? 
ATOM   57  N  N7    . A   A 1 3  ? 10.77735  10.06028  -3.44622  1.000 5.80178  ? 3   A   A N7    1 ? 
ATOM   58  C  C5    . A   A 1 3  ? 10.55749  11.28431  -2.83627  1.000 4.26063  ? 3   A   A C5    1 ? 
ATOM   59  C  C6    . A   A 1 3  ? 9.66646   12.32818  -3.12445  1.000 2.03870  ? 3   A   A C6    1 ? 
ATOM   60  N  N6    . A   A 1 3  ? 8.81985   12.30512  -4.16944  1.000 4.12856  ? 3   A   A N6    1 ? 
ATOM   61  N  N1    . A   A 1 3  ? 9.69738   13.41393  -2.31463  1.000 4.86549  ? 3   A   A N1    1 ? 
ATOM   62  C  C2    . A   A 1 3  ? 10.55441  13.43984  -1.27728  1.000 2.37668  ? 3   A   A C2    1 ? 
ATOM   63  N  N3    . A   A 1 3  ? 11.44351  12.50436  -0.90600  1.000 4.51917  ? 3   A   A N3    1 ? 
ATOM   64  C  C4    . A   A 1 3  ? 11.38386  11.44354  -1.74307  1.000 3.34819  ? 3   A   A C4    1 ? 
ATOM   65  P  P     . G   A 1 4  ? 10.93927  6.93446   2.19145   1.000 12.19421 ? 4   G   A P     1 ? 
ATOM   66  O  OP1   . G   A 1 4  ? 11.14135  5.98261   3.31341   1.000 13.08890 ? 4   G   A OP1   1 ? 
ATOM   67  O  OP2   . G   A 1 4  ? 10.06211  6.55991   1.06607   1.000 10.80851 ? 4   G   A OP2   1 ? 
ATOM   68  O  "O5'" . G   A 1 4  ? 10.35553  8.30459   2.76017   1.000 10.13851 ? 4   G   A "O5'" 1 ? 
ATOM   69  C  "C5'" . G   A 1 4  ? 10.91220  8.93836   3.90074   1.000 11.80227 ? 4   G   A "C5'" 1 ? 
ATOM   70  C  "C4'" . G   A 1 4  ? 10.20890  10.23737  4.20721   1.000 9.01444  ? 4   G   A "C4'" 1 ? 
ATOM   71  O  "O4'" . G   A 1 4  ? 10.44956  11.19828  3.14607   1.000 9.25368  ? 4   G   A "O4'" 1 ? 
ATOM   72  C  "C3'" . G   A 1 4  ? 8.69292   10.17956  4.28996   1.000 10.72464 ? 4   G   A "C3'" 1 ? 
ATOM   73  O  "O3'" . G   A 1 4  ? 8.21452   9.62388   5.50186   1.000 11.75533 ? 4   G   A "O3'" 1 ? 
ATOM   74  C  "C2'" . G   A 1 4  ? 8.30675   11.63344  4.05903   1.000 10.33339 ? 4   G   A "C2'" 1 ? 
ATOM   75  O  "O2'" . G   A 1 4  ? 8.60171   12.42909  5.19653   1.000 12.11925 ? 4   G   A "O2'" 1 ? 
ATOM   76  C  "C1'" . G   A 1 4  ? 9.29964   12.01113  2.96842   1.000 8.83361  ? 4   G   A "C1'" 1 ? 
ATOM   77  N  N9    . G   A 1 4  ? 8.73938   11.73059  1.64169   1.000 9.02768  ? 4   G   A N9    1 ? 
ATOM   78  C  C8    . G   A 1 4  ? 8.98120   10.65538  0.82429   1.000 7.98111  ? 4   G   A C8    1 ? 
ATOM   79  N  N7    . G   A 1 4  ? 8.31582   10.71742  -0.30021  1.000 7.45471  ? 4   G   A N7    1 ? 
ATOM   80  C  C5    . G   A 1 4  ? 7.59229   11.89761  -0.19631  1.000 6.27510  ? 4   G   A C5    1 ? 
ATOM   81  C  C6    . G   A 1 4  ? 6.69309   12.50403  -1.10327  1.000 8.67251  ? 4   G   A C6    1 ? 
ATOM   82  O  O6    . G   A 1 4  ? 6.36584   12.06365  -2.20629  1.000 7.86413  ? 4   G   A O6    1 ? 
ATOM   83  N  N1    . G   A 1 4  ? 6.16805   13.70416  -0.60551  1.000 5.75946  ? 4   G   A N1    1 ? 
ATOM   84  C  C2    . G   A 1 4  ? 6.48307   14.24860  0.61816   1.000 9.17025  ? 4   G   A C2    1 ? 
ATOM   85  N  N2    . G   A 1 4  ? 5.89059   15.41147  0.95130   1.000 8.93691  ? 4   G   A N2    1 ? 
ATOM   86  N  N3    . G   A 1 4  ? 7.33577   13.68625  1.47101   1.000 9.62319  ? 4   G   A N3    1 ? 
ATOM   87  C  C4    . G   A 1 4  ? 7.83894   12.53133  0.99456   1.000 8.61323  ? 4   G   A C4    1 ? 
ATOM   88  P  P     . A   A 1 5  ? 6.88988   8.71427   5.49667   1.000 14.40018 ? 5   A   A P     1 ? 
ATOM   89  O  OP1   . A   A 1 5  ? 6.72374   8.22395   6.88689   1.000 23.23443 ? 5   A   A OP1   1 ? 
ATOM   90  O  OP2   . A   A 1 5  ? 6.90189   7.73985   4.38063   1.000 10.87976 ? 5   A   A OP2   1 ? 
ATOM   91  O  "O5'" . A   A 1 5  ? 5.71772   9.75558   5.19864   1.000 12.86313 ? 5   A   A "O5'" 1 ? 
ATOM   92  C  "C5'" . A   A 1 5  ? 5.45614   10.82244  6.10373   1.000 14.50281 ? 5   A   A "C5'" 1 ? 
ATOM   93  C  "C4'" . A   A 1 5  ? 4.40299   11.77975  5.59523   1.000 12.75914 ? 5   A   A "C4'" 1 ? 
ATOM   94  O  "O4'" . A   A 1 5  ? 4.87792   12.50775  4.43057   1.000 12.86605 ? 5   A   A "O4'" 1 ? 
ATOM   95  C  "C3'" . A   A 1 5  ? 3.09693   11.16607  5.12300   1.000 15.80483 ? 5   A   A "C3'" 1 ? 
ATOM   96  O  "O3'" . A   A 1 5  ? 2.25427   10.76736  6.18309   1.000 17.73089 ? 5   A   A "O3'" 1 ? 
ATOM   97  C  "C2'" . A   A 1 5  ? 2.52362   12.27302  4.25423   1.000 14.41999 ? 5   A   A "C2'" 1 ? 
ATOM   98  O  "O2'" . A   A 1 5  ? 2.00993   13.32672  5.05901   1.000 13.45164 ? 5   A   A "O2'" 1 ? 
ATOM   99  C  "C1'" . A   A 1 5  ? 3.79505   12.76746  3.55760   1.000 12.61621 ? 5   A   A "C1'" 1 ? 
ATOM   100 N  N9    . A   A 1 5  ? 4.01266   12.02911  2.29770   1.000 8.50162  ? 5   A   A N9    1 ? 
ATOM   101 C  C8    . A   A 1 5  ? 4.85450   10.97281  2.04334   1.000 9.23247  ? 5   A   A C8    1 ? 
ATOM   102 N  N7    . A   A 1 5  ? 4.77782   10.51946  0.81162   1.000 10.20016 ? 5   A   A N7    1 ? 
ATOM   103 C  C5    . A   A 1 5  ? 3.80830   11.32316  0.21945   1.000 3.89452  ? 5   A   A C5    1 ? 
ATOM   104 C  C6    . A   A 1 5  ? 3.26909   11.38234  -1.08293  1.000 7.30247  ? 5   A   A C6    1 ? 
ATOM   105 N  N6    . A   A 1 5  ? 3.61654   10.56799  -2.08135  1.000 9.13126  ? 5   A   A N6    1 ? 
ATOM   106 N  N1    . A   A 1 5  ? 2.32636   12.31791  -1.32761  1.000 8.29697  ? 5   A   A N1    1 ? 
ATOM   107 C  C2    . A   A 1 5  ? 1.96517   13.14945  -0.34045  1.000 9.03991  ? 5   A   A C2    1 ? 
ATOM   108 N  N3    . A   A 1 5  ? 2.40544   13.19663  0.92023   1.000 10.34345 ? 5   A   A N3    1 ? 
ATOM   109 C  C4    . A   A 1 5  ? 3.33175   12.25018  1.12865   1.000 8.37232  ? 5   A   A C4    1 ? 
ATOM   110 P  P     . A   A 1 6  ? 1.33087   9.47216   6.01855   1.000 14.44476 ? 6   A   A P     1 ? 
ATOM   111 O  OP1   . A   A 1 6  ? 0.70640   9.26263   7.35877   1.000 18.25061 ? 6   A   A OP1   1 ? 
ATOM   112 O  OP2   . A   A 1 6  ? 2.05947   8.36671   5.35186   1.000 13.93220 ? 6   A   A OP2   1 ? 
ATOM   113 O  "O5'" . A   A 1 6  ? 0.19769   9.92237   5.00937   1.000 11.79438 ? 6   A   A "O5'" 1 ? 
ATOM   114 C  "C5'" . A   A 1 6  ? -0.69770  10.95570  5.36201   1.000 12.20192 ? 6   A   A "C5'" 1 ? 
ATOM   115 C  "C4'" . A   A 1 6  ? -1.52915  11.39688  4.18630   1.000 14.70220 ? 6   A   A "C4'" 1 ? 
ATOM   116 O  "O4'" . A   A 1 6  ? -0.68357  11.90715  3.12320   1.000 14.79567 ? 6   A   A "O4'" 1 ? 
ATOM   117 C  "C3'" . A   A 1 6  ? -2.35445  10.32938  3.49694   1.000 14.15189 ? 6   A   A "C3'" 1 ? 
ATOM   118 O  "O3'" . A   A 1 6  ? -3.51928  9.98566   4.21405   1.000 13.35400 ? 6   A   A "O3'" 1 ? 
ATOM   119 C  "C2'" . A   A 1 6  ? -2.63751  10.98141  2.15176   1.000 11.30071 ? 6   A   A "C2'" 1 ? 
ATOM   120 O  "O2'" . A   A 1 6  ? -3.59080  12.01798  2.30521   1.000 12.65368 ? 6   A   A "O2'" 1 ? 
ATOM   121 C  "C1'" . A   A 1 6  ? -1.28498  11.63373  1.87017   1.000 10.62357 ? 6   A   A "C1'" 1 ? 
ATOM   122 N  N9    . A   A 1 6  ? -0.41438  10.71298  1.12548   1.000 6.98418  ? 6   A   A N9    1 ? 
ATOM   123 C  C8    . A   A 1 6  ? 0.58792   9.89088   1.57940   1.000 9.87890  ? 6   A   A C8    1 ? 
ATOM   124 N  N7    . A   A 1 6  ? 1.14946   9.18652   0.62007   1.000 12.90398 ? 6   A   A N7    1 ? 
ATOM   125 C  C5    . A   A 1 6  ? 0.46340   9.56557   -0.52468  1.000 7.60517  ? 6   A   A C5    1 ? 
ATOM   126 C  C6    . A   A 1 6  ? 0.58318   9.18312   -1.88126  1.000 7.54167  ? 6   A   A C6    1 ? 
ATOM   127 N  N6    . A   A 1 6  ? 1.46765   8.29899   -2.32531  1.000 13.62964 ? 6   A   A N6    1 ? 
ATOM   128 N  N1    . A   A 1 6  ? -0.25192  9.75699   -2.77397  1.000 11.25780 ? 6   A   A N1    1 ? 
ATOM   129 C  C2    . A   A 1 6  ? -1.14730  10.65232  -2.33275  1.000 9.77452  ? 6   A   A C2    1 ? 
ATOM   130 N  N3    . A   A 1 6  ? -1.34961  11.09447  -1.08647  1.000 13.92432 ? 6   A   A N3    1 ? 
ATOM   131 C  C4    . A   A 1 6  ? -0.50044  10.50183  -0.22882  1.000 10.98014 ? 6   A   A C4    1 ? 
ATOM   132 P  P     . G   A 1 7  ? -4.12916  8.50622   4.09754   1.000 17.19963 ? 7   G   A P     1 ? 
ATOM   133 O  OP1   . G   A 1 7  ? -5.26199  8.47419   5.05441   1.000 16.49965 ? 7   G   A OP1   1 ? 
ATOM   134 O  OP2   . G   A 1 7  ? -3.06758  7.48957   4.10257   1.000 17.95785 ? 7   G   A OP2   1 ? 
ATOM   135 O  "O5'" . G   A 1 7  ? -4.70668  8.41724   2.60967   1.000 14.03287 ? 7   G   A "O5'" 1 ? 
ATOM   136 C  "C5'" . G   A 1 7  ? -5.91418  9.05903   2.26607   1.000 15.59322 ? 7   G   A "C5'" 1 ? 
ATOM   137 C  "C4'" . G   A 1 7  ? -6.15633  9.04598   0.77597   1.000 11.08684 ? 7   G   A "C4'" 1 ? 
ATOM   138 O  "O4'" . G   A 1 7  ? -5.00582  9.55713   0.05133   1.000 10.96057 ? 7   G   A "O4'" 1 ? 
ATOM   139 C  "C3'" . G   A 1 7  ? -6.41575  7.70413   0.10900   1.000 12.50195 ? 7   G   A "C3'" 1 ? 
ATOM   140 O  "O3'" . G   A 1 7  ? -7.71258  7.19427   0.37609   1.000 11.35721 ? 7   G   A "O3'" 1 ? 
ATOM   141 C  "C2'" . G   A 1 7  ? -6.19425  8.06003   -1.35435  1.000 8.39080  ? 7   G   A "C2'" 1 ? 
ATOM   142 O  "O2'" . G   A 1 7  ? -7.27863  8.85152   -1.81892  1.000 11.85413 ? 7   G   A "O2'" 1 ? 
ATOM   143 C  "C1'" . G   A 1 7  ? -4.97328  8.97754   -1.24139  1.000 9.52346  ? 7   G   A "C1'" 1 ? 
ATOM   144 N  N9    . G   A 1 7  ? -3.72833  8.20862   -1.41070  1.000 6.90130  ? 7   G   A N9    1 ? 
ATOM   145 C  C8    . G   A 1 7  ? -2.83427  7.79240   -0.44880  1.000 7.66435  ? 7   G   A C8    1 ? 
ATOM   146 N  N7    . G   A 1 7  ? -1.84800  7.09769   -0.94992  1.000 9.00006  ? 7   G   A N7    1 ? 
ATOM   147 C  C5    . G   A 1 7  ? -2.10953  7.04139   -2.30937  1.000 7.25089  ? 7   G   A C5    1 ? 
ATOM   148 C  C6    . G   A 1 7  ? -1.38706  6.41906   -3.36857  1.000 7.53230  ? 7   G   A C6    1 ? 
ATOM   149 O  O6    . G   A 1 7  ? -0.33325  5.77044   -3.29739  1.000 12.12610 ? 7   G   A O6    1 ? 
ATOM   150 N  N1    . G   A 1 7  ? -2.00801  6.61098   -4.59703  1.000 8.52063  ? 7   G   A N1    1 ? 
ATOM   151 C  C2    . G   A 1 7  ? -3.17894  7.30962   -4.78097  1.000 5.49402  ? 7   G   A C2    1 ? 
ATOM   152 N  N2    . G   A 1 7  ? -3.64968  7.38845   -6.02726  1.000 7.11548  ? 7   G   A N2    1 ? 
ATOM   153 N  N3    . G   A 1 7  ? -3.85781  7.88113   -3.80627  1.000 7.20141  ? 7   G   A N3    1 ? 
ATOM   154 C  C4    . G   A 1 7  ? -3.26720  7.71039   -2.60641  1.000 7.17462  ? 7   G   A C4    1 ? 
HETATM 155 P  P     . N6G A 1 8  ? -8.07605  5.64410   0.13077   1.000 13.07674 ? 8   N6G A P     1 ? 
HETATM 156 O  OP1   . N6G A 1 8  ? -9.41852  5.46991   0.70823   1.000 13.10680 ? 8   N6G A OP1   1 ? 
HETATM 157 O  OP2   . N6G A 1 8  ? -6.98436  4.79661   0.60615   1.000 14.79383 ? 8   N6G A OP2   1 ? 
HETATM 158 O  "O5'" . N6G A 1 8  ? -8.16116  5.48594   -1.44944  1.000 11.31020 ? 8   N6G A "O5'" 1 ? 
HETATM 159 C  "C5'" . N6G A 1 8  ? -9.16140  6.15272   -2.20318  1.000 12.18473 ? 8   N6G A "C5'" 1 ? 
HETATM 160 C  "C4'" . N6G A 1 8  ? -9.01478  5.86434   -3.67081  1.000 10.48850 ? 8   N6G A "C4'" 1 ? 
HETATM 161 O  "O4'" . N6G A 1 8  ? -7.72842  6.33961   -4.14495  1.000 13.59500 ? 8   N6G A "O4'" 1 ? 
HETATM 162 C  "C1'" . N6G A 1 8  ? -7.22612  5.46030   -5.13526  1.000 11.58695 ? 8   N6G A "C1'" 1 ? 
HETATM 163 N  N9    . N6G A 1 8  ? -5.94880  4.89438   -4.65364  1.000 10.30267 ? 8   N6G A N9    1 ? 
HETATM 164 C  C4    . N6G A 1 8  ? -5.05979  4.30354   -5.46220  1.000 9.35298  ? 8   N6G A C4    1 ? 
HETATM 165 N  N3    . N6G A 1 8  ? -5.11297  4.06210   -6.77807  1.000 7.22456  ? 8   N6G A N3    1 ? 
HETATM 166 C  C2    . N6G A 1 8  ? -3.96182  3.40959   -7.20126  1.000 8.69586  ? 8   N6G A C2    1 ? 
HETATM 167 N  N2    . N6G A 1 8  ? -3.85936  3.07976   -8.59698  1.000 12.08905 ? 8   N6G A N2    1 ? 
HETATM 168 N  N1    . N6G A 1 8  ? -2.92535  3.05182   -6.38388  1.000 8.15841  ? 8   N6G A N1    1 ? 
HETATM 169 C  C6    . N6G A 1 8  ? -2.92098  3.31055   -5.10753  1.000 6.54224  ? 8   N6G A C6    1 ? 
HETATM 170 N  N6    . N6G A 1 8  ? -1.79020  2.93127   -4.27733  1.000 5.61373  ? 8   N6G A N6    1 ? 
HETATM 171 C  C5    . N6G A 1 8  ? -4.00035  3.95711   -4.59560  1.000 7.10782  ? 8   N6G A C5    1 ? 
HETATM 172 N  N7    . N6G A 1 8  ? -4.35309  4.38850   -3.22348  1.000 8.26725  ? 8   N6G A N7    1 ? 
HETATM 173 C  C8    . N6G A 1 8  ? -5.57997  4.95610   -3.40555  1.000 9.61100  ? 8   N6G A C8    1 ? 
HETATM 174 C  "C2'" . N6G A 1 8  ? -8.29564  4.39707   -5.38667  1.000 14.50152 ? 8   N6G A "C2'" 1 ? 
HETATM 175 O  "O2'" . N6G A 1 8  ? -9.15432  4.87994   -6.41144  1.000 17.35759 ? 8   N6G A "O2'" 1 ? 
HETATM 176 C  "C3'" . N6G A 1 8  ? -9.01504  4.39214   -4.04417  1.000 14.04294 ? 8   N6G A "C3'" 1 ? 
HETATM 177 O  "O3'" . N6G A 1 8  ? -10.31613 3.83672   -4.07491  1.000 18.60085 ? 8   N6G A "O3'" 1 ? 
ATOM   178 P  P     . U   A 1 9  ? -10.55479 2.30782   -3.64326  1.000 19.29085 ? 9   U   A P     1 ? 
ATOM   179 O  OP1   . U   A 1 9  ? -12.02731 2.09694   -3.64238  1.000 20.66790 ? 9   U   A OP1   1 ? 
ATOM   180 O  OP2   . U   A 1 9  ? -9.77690  1.93702   -2.43509  1.000 13.49122 ? 9   U   A OP2   1 ? 
ATOM   181 O  "O5'" . U   A 1 9  ? -9.95336  1.49423   -4.86849  1.000 16.12308 ? 9   U   A "O5'" 1 ? 
ATOM   182 C  "C5'" . U   A 1 9  ? -10.49157 1.65615   -6.16793  1.000 15.37880 ? 9   U   A "C5'" 1 ? 
ATOM   183 C  "C4'" . U   A 1 9  ? -9.64765  0.96651   -7.20625  1.000 17.30959 ? 9   U   A "C4'" 1 ? 
ATOM   184 O  "O4'" . U   A 1 9  ? -8.37046  1.64816   -7.35080  1.000 19.19989 ? 9   U   A "O4'" 1 ? 
ATOM   185 C  "C3'" . U   A 1 9  ? -9.24757  -0.47168  -6.90486  1.000 15.47830 ? 9   U   A "C3'" 1 ? 
ATOM   186 O  "O3'" . U   A 1 9  ? -10.28796 -1.41342  -7.12356  1.000 18.14574 ? 9   U   A "O3'" 1 ? 
ATOM   187 C  "C2'" . U   A 1 9  ? -8.04657  -0.65084  -7.81605  1.000 15.11840 ? 9   U   A "C2'" 1 ? 
ATOM   188 O  "O2'" . U   A 1 9  ? -8.47474  -0.76418  -9.16455  1.000 19.84034 ? 9   U   A "O2'" 1 ? 
ATOM   189 C  "C1'" . U   A 1 9  ? -7.35913  0.70351   -7.65057  1.000 16.27513 ? 9   U   A "C1'" 1 ? 
ATOM   190 N  N1    . U   A 1 9  ? -6.38818  0.67364   -6.53068  1.000 11.53927 ? 9   U   A N1    1 ? 
ATOM   191 C  C2    . U   A 1 9  ? -5.14860  0.10486   -6.76454  1.000 8.10575  ? 9   U   A C2    1 ? 
ATOM   192 O  O2    . U   A 1 9  ? -4.79849  -0.35595  -7.83788  1.000 13.35960 ? 9   U   A O2    1 ? 
ATOM   193 N  N3    . U   A 1 9  ? -4.30831  0.08969   -5.68275  1.000 9.19164  ? 9   U   A N3    1 ? 
ATOM   194 C  C4    . U   A 1 9  ? -4.56701  0.57776   -4.42061  1.000 7.80617  ? 9   U   A C4    1 ? 
ATOM   195 O  O4    . U   A 1 9  ? -3.69257  0.48687   -3.56427  1.000 9.85113  ? 9   U   A O4    1 ? 
ATOM   196 C  C5    . U   A 1 9  ? -5.87336  1.13787   -4.24756  1.000 13.35029 ? 9   U   A C5    1 ? 
ATOM   197 C  C6    . U   A 1 9  ? -6.71240  1.16244   -5.28614  1.000 10.92417 ? 9   U   A C6    1 ? 
ATOM   198 P  P     . C   A 1 10 ? -10.39256 -2.74204  -6.21968  1.000 20.41737 ? 10  C   A P     1 ? 
ATOM   199 O  OP1   . C   A 1 10 ? -11.59340 -3.47209  -6.70272  1.000 25.81599 ? 10  C   A OP1   1 ? 
ATOM   200 O  OP2   . C   A 1 10 ? -10.24980 -2.41801  -4.77880  1.000 20.01943 ? 10  C   A OP2   1 ? 
ATOM   201 O  "O5'" . C   A 1 10 ? -9.12022  -3.60458  -6.62816  1.000 18.76132 ? 10  C   A "O5'" 1 ? 
ATOM   202 C  "C5'" . C   A 1 10 ? -8.94576  -4.03797  -7.96578  1.000 17.02429 ? 10  C   A "C5'" 1 ? 
ATOM   203 C  "C4'" . C   A 1 10 ? -7.57112  -4.61565  -8.18700  1.000 10.66806 ? 10  C   A "C4'" 1 ? 
ATOM   204 O  "O4'" . C   A 1 10 ? -6.54768  -3.60791  -7.95334  1.000 15.15973 ? 10  C   A "O4'" 1 ? 
ATOM   205 C  "C3'" . C   A 1 10 ? -7.15154  -5.75704  -7.27465  1.000 10.91375 ? 10  C   A "C3'" 1 ? 
ATOM   206 O  "O3'" . C   A 1 10 ? -7.75413  -6.99870  -7.60613  1.000 15.82663 ? 10  C   A "O3'" 1 ? 
ATOM   207 C  "C2'" . C   A 1 10 ? -5.64017  -5.73463  -7.43984  1.000 10.04748 ? 10  C   A "C2'" 1 ? 
ATOM   208 O  "O2'" . C   A 1 10 ? -5.26871  -6.23900  -8.71318  1.000 13.40111 ? 10  C   A "O2'" 1 ? 
ATOM   209 C  "C1'" . C   A 1 10 ? -5.37682  -4.23182  -7.46467  1.000 16.16544 ? 10  C   A "C1'" 1 ? 
ATOM   210 N  N1    . C   A 1 10 ? -5.07209  -3.71659  -6.11413  1.000 7.47234  ? 10  C   A N1    1 ? 
ATOM   211 C  C2    . C   A 1 10 ? -3.77199  -3.94207  -5.63648  1.000 6.11065  ? 10  C   A C2    1 ? 
ATOM   212 O  O2    . C   A 1 10 ? -2.96490  -4.55153  -6.36713  1.000 8.40251  ? 10  C   A O2    1 ? 
ATOM   213 N  N3    . C   A 1 10 ? -3.43786  -3.49283  -4.41036  1.000 7.71020  ? 10  C   A N3    1 ? 
ATOM   214 C  C4    . C   A 1 10 ? -4.35446  -2.85876  -3.67271  1.000 7.14176  ? 10  C   A C4    1 ? 
ATOM   215 N  N4    . C   A 1 10 ? -3.99584  -2.42648  -2.46875  1.000 10.69750 ? 10  C   A N4    1 ? 
ATOM   216 C  C5    . C   A 1 10 ? -5.68797  -2.62035  -4.13020  1.000 8.15258  ? 10  C   A C5    1 ? 
ATOM   217 C  C6    . C   A 1 10 ? -6.00191  -3.06553  -5.35268  1.000 8.02846  ? 10  C   A C6    1 ? 
ATOM   218 P  P     . U   A 1 11 ? -8.01517  -8.10839  -6.46950  1.000 16.04388 ? 11  U   A P     1 ? 
ATOM   219 O  OP1   . U   A 1 11 ? -8.86215  -9.14814  -7.10850  1.000 20.27587 ? 11  U   A OP1   1 ? 
ATOM   220 O  OP2   . U   A 1 11 ? -8.44934  -7.52299  -5.18274  1.000 18.81459 ? 11  U   A OP2   1 ? 
ATOM   221 O  "O5'" . U   A 1 11 ? -6.57492  -8.72158  -6.18335  1.000 15.55213 ? 11  U   A "O5'" 1 ? 
ATOM   222 C  "C5'" . U   A 1 11 ? -5.79546  -9.26956  -7.23203  1.000 14.84051 ? 11  U   A "C5'" 1 ? 
ATOM   223 C  "C4'" . U   A 1 11 ? -4.38629  -9.54898  -6.77900  1.000 17.99568 ? 11  U   A "C4'" 1 ? 
ATOM   224 O  "O4'" . U   A 1 11 ? -3.70205  -8.30175  -6.47868  1.000 18.14512 ? 11  U   A "O4'" 1 ? 
ATOM   225 C  "C3'" . U   A 1 11 ? -4.23124  -10.36048 -5.50057  1.000 9.16777  ? 11  U   A "C3'" 1 ? 
ATOM   226 O  "O3'" . U   A 1 11 ? -4.41576  -11.75081 -5.70062  1.000 14.23397 ? 11  U   A "O3'" 1 ? 
ATOM   227 C  "C2'" . U   A 1 11 ? -2.81661  -9.99508  -5.06989  1.000 8.11989  ? 11  U   A "C2'" 1 ? 
ATOM   228 O  "O2'" . U   A 1 11 ? -1.87156  -10.66440 -5.88937  1.000 13.61959 ? 11  U   A "O2'" 1 ? 
ATOM   229 C  "C1'" . U   A 1 11 ? -2.77269  -8.50998  -5.43498  1.000 15.03464 ? 11  U   A "C1'" 1 ? 
ATOM   230 N  N1    . U   A 1 11 ? -3.12121  -7.64345  -4.28911  1.000 10.77726 ? 11  U   A N1    1 ? 
ATOM   231 C  C2    . U   A 1 11 ? -2.11752  -7.45540  -3.35423  1.000 9.38324  ? 11  U   A C2    1 ? 
ATOM   232 O  O2    . U   A 1 11 ? -1.02654  -7.97232  -3.48202  1.000 11.83209 ? 11  U   A O2    1 ? 
ATOM   233 N  N3    . U   A 1 11 ? -2.44014  -6.64725  -2.29375  1.000 13.61680 ? 11  U   A N3    1 ? 
ATOM   234 C  C4    . U   A 1 11 ? -3.65134  -6.02092  -2.07657  1.000 10.13116 ? 11  U   A C4    1 ? 
ATOM   235 O  O4    . U   A 1 11 ? -3.81649  -5.33043  -1.07117  1.000 16.28492 ? 11  U   A O4    1 ? 
ATOM   236 C  C5    . U   A 1 11 ? -4.64382  -6.27962  -3.07634  1.000 12.29803 ? 11  U   A C5    1 ? 
ATOM   237 C  C6    . U   A 1 11 ? -4.34757  -7.05939  -4.12217  1.000 8.88860  ? 11  U   A C6    1 ? 
ATOM   238 P  P     . U   A 1 12 ? -4.93309  -12.69334 -4.50530  1.000 14.24597 ? 12  U   A P     1 ? 
ATOM   239 O  OP1   . U   A 1 12 ? -5.20094  -14.00286 -5.14648  1.000 16.31069 ? 12  U   A OP1   1 ? 
ATOM   240 O  OP2   . U   A 1 12 ? -5.93302  -12.00572 -3.66249  1.000 10.12190 ? 12  U   A OP2   1 ? 
ATOM   241 O  "O5'" . U   A 1 12 ? -3.66468  -12.85885 -3.56365  1.000 10.99973 ? 12  U   A "O5'" 1 ? 
ATOM   242 C  "C5'" . U   A 1 12 ? -2.55253  -13.62057 -3.98417  1.000 8.43763  ? 12  U   A "C5'" 1 ? 
ATOM   243 C  "C4'" . U   A 1 12 ? -1.49305  -13.62960 -2.92162  1.000 7.91483  ? 12  U   A "C4'" 1 ? 
ATOM   244 O  "O4'" . U   A 1 12 ? -1.00631  -12.28179 -2.69967  1.000 9.88816  ? 12  U   A "O4'" 1 ? 
ATOM   245 C  "C3'" . U   A 1 12 ? -1.94685  -14.07250 -1.54802  1.000 8.62364  ? 12  U   A "C3'" 1 ? 
ATOM   246 O  "O3'" . U   A 1 12 ? -2.05684  -15.47670 -1.44668  1.000 11.98481 ? 12  U   A "O3'" 1 ? 
ATOM   247 C  "C2'" . U   A 1 12 ? -0.87675  -13.47067 -0.65484  1.000 13.85687 ? 12  U   A "C2'" 1 ? 
ATOM   248 O  "O2'" . U   A 1 12 ? 0.32094   -14.22206 -0.79787  1.000 12.65518 ? 12  U   A "O2'" 1 ? 
ATOM   249 C  "C1'" . U   A 1 12 ? -0.65824  -12.12156 -1.34104  1.000 10.84371 ? 12  U   A "C1'" 1 ? 
ATOM   250 N  N1    . U   A 1 12 ? -1.48494  -11.02773 -0.78243  1.000 6.37795  ? 12  U   A N1    1 ? 
ATOM   251 C  C2    . U   A 1 12 ? -1.05203  -10.37890 0.36454   1.000 9.73717  ? 12  U   A C2    1 ? 
ATOM   252 O  O2    . U   A 1 12 ? -0.03238  -10.68293 0.96213   1.000 13.64960 ? 12  U   A O2    1 ? 
ATOM   253 N  N3    . U   A 1 12 ? -1.85614  -9.35358  0.79626   1.000 10.01842 ? 12  U   A N3    1 ? 
ATOM   254 C  C4    . U   A 1 12 ? -3.02510  -8.92360  0.20099   1.000 6.12230  ? 12  U   A C4    1 ? 
ATOM   255 O  O4    . U   A 1 12 ? -3.66224  -7.99271  0.69686   1.000 7.04772  ? 12  U   A O4    1 ? 
ATOM   256 C  C5    . U   A 1 12 ? -3.40411  -9.64405  -0.97201  1.000 10.74725 ? 12  U   A C5    1 ? 
ATOM   257 C  C6    . U   A 1 12 ? -2.64034  -10.64009 -1.41612  1.000 9.01995  ? 12  U   A C6    1 ? 
ATOM   258 P  P     . C   A 1 13 ? -3.19950  -16.13298 -0.53748  1.000 9.65676  ? 13  C   A P     1 ? 
ATOM   259 O  OP1   . C   A 1 13 ? -3.16662  -17.58795 -0.83625  1.000 12.54269 ? 13  C   A OP1   1 ? 
ATOM   260 O  OP2   . C   A 1 13 ? -4.49451  -15.41453 -0.65564  1.000 11.06142 ? 13  C   A OP2   1 ? 
ATOM   261 O  "O5'" . C   A 1 13 ? -2.68080  -15.89646 0.93860   1.000 11.29173 ? 13  C   A "O5'" 1 ? 
ATOM   262 C  "C5'" . C   A 1 13 ? -1.50260  -16.53091 1.39397   1.000 10.18708 ? 13  C   A "C5'" 1 ? 
ATOM   263 C  "C4'" . C   A 1 13 ? -1.07536  -15.98992 2.73013   1.000 9.54813  ? 13  C   A "C4'" 1 ? 
ATOM   264 O  "O4'" . C   A 1 13 ? -0.74038  -14.58180 2.61529   1.000 8.11809  ? 13  C   A "O4'" 1 ? 
ATOM   265 C  "C3'" . C   A 1 13 ? -2.12025  -16.01692 3.83326   1.000 8.04088  ? 13  C   A "C3'" 1 ? 
ATOM   266 O  "O3'" . C   A 1 13 ? -2.30151  -17.29901 4.40901   1.000 9.45473  ? 13  C   A "O3'" 1 ? 
ATOM   267 C  "C2'" . C   A 1 13 ? -1.57709  -14.97715 4.80239   1.000 6.58299  ? 13  C   A "C2'" 1 ? 
ATOM   268 O  "O2'" . C   A 1 13 ? -0.45875  -15.48904 5.50950   1.000 9.54298  ? 13  C   A "O2'" 1 ? 
ATOM   269 C  "C1'" . C   A 1 13 ? -1.05268  -13.91992 3.83069   1.000 9.73848  ? 13  C   A "C1'" 1 ? 
ATOM   270 N  N1    . C   A 1 13 ? -2.04796  -12.84541 3.58301   1.000 7.42341  ? 13  C   A N1    1 ? 
ATOM   271 C  C2    . C   A 1 13 ? -2.17137  -11.83247 4.54960   1.000 6.41921  ? 13  C   A C2    1 ? 
ATOM   272 O  O2    . C   A 1 13 ? -1.45356  -11.87676 5.56045   1.000 9.80071  ? 13  C   A O2    1 ? 
ATOM   273 N  N3    . C   A 1 13 ? -3.07515  -10.83903 4.37154   1.000 7.46580  ? 13  C   A N3    1 ? 
ATOM   274 C  C4    . C   A 1 13 ? -3.83797  -10.80295 3.28104   1.000 7.06865  ? 13  C   A C4    1 ? 
ATOM   275 N  N4    . C   A 1 13 ? -4.71162  -9.79385  3.15886   1.000 5.63319  ? 13  C   A N4    1 ? 
ATOM   276 C  C5    . C   A 1 13 ? -3.74569  -11.82118 2.28274   1.000 11.30332 ? 13  C   A C5    1 ? 
ATOM   277 C  C6    . C   A 1 13 ? -2.85059  -12.80654 2.47676   1.000 8.20260  ? 13  C   A C6    1 ? 
ATOM   278 P  P     . U   A 1 14 ? -3.72129  -17.71829 5.03483   1.000 8.54604  ? 14  U   A P     1 ? 
ATOM   279 O  OP1   . U   A 1 14 ? -3.59743  -19.15440 5.44754   1.000 10.84230 ? 14  U   A OP1   1 ? 
ATOM   280 O  OP2   . U   A 1 14 ? -4.79716  -17.24899 4.12318   1.000 9.29768  ? 14  U   A OP2   1 ? 
ATOM   281 O  "O5'" . U   A 1 14 ? -3.88109  -16.83792 6.36209   1.000 6.78443  ? 14  U   A "O5'" 1 ? 
ATOM   282 C  "C5'" . U   A 1 14 ? -3.13323  -17.14777 7.52442   1.000 11.17816 ? 14  U   A "C5'" 1 ? 
ATOM   283 C  "C4'" . U   A 1 14 ? -3.21011  -16.04771 8.55811   1.000 4.75444  ? 14  U   A "C4'" 1 ? 
ATOM   284 O  "O4'" . U   A 1 14 ? -2.91199  -14.76639 7.96143   1.000 4.77904  ? 14  U   A "O4'" 1 ? 
ATOM   285 C  "C3'" . U   A 1 14 ? -4.55223  -15.82034 9.23259   1.000 4.40344  ? 14  U   A "C3'" 1 ? 
ATOM   286 O  "O3'" . U   A 1 14 ? -4.80767  -16.77092 10.23769  1.000 3.67478  ? 14  U   A "O3'" 1 ? 
ATOM   287 C  "C2'" . U   A 1 14 ? -4.37466  -14.41770 9.78901   1.000 4.74261  ? 14  U   A "C2'" 1 ? 
ATOM   288 O  "O2'" . U   A 1 14 ? -3.48697  -14.46330 10.90188  1.000 7.13639  ? 14  U   A "O2'" 1 ? 
ATOM   289 C  "C1'" . U   A 1 14 ? -3.62527  -13.74873 8.64150   1.000 5.73418  ? 14  U   A "C1'" 1 ? 
ATOM   290 N  N1    . U   A 1 14 ? -4.52304  -13.07697 7.67367   1.000 5.40344  ? 14  U   A N1    1 ? 
ATOM   291 C  C2    . U   A 1 14 ? -5.02068  -11.82528 8.01711   1.000 2.36330  ? 14  U   A C2    1 ? 
ATOM   292 O  O2    . U   A 1 14 ? -4.77727  -11.28789 9.09025   1.000 3.65414  ? 14  U   A O2    1 ? 
ATOM   293 N  N3    . U   A 1 14 ? -5.83497  -11.22695 7.07547   1.000 3.90685  ? 14  U   A N3    1 ? 
ATOM   294 C  C4    . U   A 1 14 ? -6.16511  -11.75036 5.83887   1.000 7.56134  ? 14  U   A C4    1 ? 
ATOM   295 O  O4    . U   A 1 14 ? -6.90222  -11.10085 5.08964   1.000 8.13773  ? 14  U   A O4    1 ? 
ATOM   296 C  C5    . U   A 1 14 ? -5.59790  -13.03909 5.55045   1.000 6.32256  ? 14  U   A C5    1 ? 
ATOM   297 C  C6    . U   A 1 14 ? -4.80897  -13.64745 6.45347   1.000 5.16709  ? 14  U   A C6    1 ? 
ATOM   298 P  P     . C   A 1 15 ? -6.30092  -17.08364 10.71892  1.000 6.55374  ? 15  C   A P     1 ? 
ATOM   299 O  OP1   . C   A 1 15 ? -6.24432  -18.29812 11.57740  1.000 8.38762  ? 15  C   A OP1   1 ? 
ATOM   300 O  OP2   . C   A 1 15 ? -7.21336  -17.03822 9.54319   1.000 5.81610  ? 15  C   A OP2   1 ? 
ATOM   301 O  "O5'" . C   A 1 15 ? -6.72157  -15.81745 11.58728  1.000 5.77390  ? 15  C   A "O5'" 1 ? 
ATOM   302 C  "C5'" . C   A 1 15 ? -6.11257  -15.54767 12.84259  1.000 6.35270  ? 15  C   A "C5'" 1 ? 
ATOM   303 C  "C4'" . C   A 1 15 ? -6.59130  -14.22473 13.37644  1.000 4.37870  ? 15  C   A "C4'" 1 ? 
ATOM   304 O  "O4'" . C   A 1 15 ? -6.28345  -13.18081 12.42955  1.000 4.93611  ? 15  C   A "O4'" 1 ? 
ATOM   305 C  "C3'" . C   A 1 15 ? -8.09359  -14.10770 13.55830  1.000 3.50922  ? 15  C   A "C3'" 1 ? 
ATOM   306 O  "O3'" . C   A 1 15 ? -8.55101  -14.73149 14.74026  1.000 5.57801  ? 15  C   A "O3'" 1 ? 
ATOM   307 C  "C2'" . C   A 1 15 ? -8.30863  -12.60486 13.52069  1.000 6.12574  ? 15  C   A "C2'" 1 ? 
ATOM   308 O  "O2'" . C   A 1 15 ? -7.86839  -12.00976 14.73218  1.000 6.42561  ? 15  C   A "O2'" 1 ? 
ATOM   309 C  "C1'" . C   A 1 15 ? -7.30957  -12.20545 12.44163  1.000 3.71650  ? 15  C   A "C1'" 1 ? 
ATOM   310 N  N1    . C   A 1 15 ? -7.90078  -12.14399 11.09093  1.000 2.78023  ? 15  C   A N1    1 ? 
ATOM   311 C  C2    . C   A 1 15 ? -8.59418  -10.99405 10.70812  1.000 4.15915  ? 15  C   A C2    1 ? 
ATOM   312 O  O2    . C   A 1 15 ? -8.75868  -10.09159 11.55141  1.000 5.38531  ? 15  C   A O2    1 ? 
ATOM   313 N  N3    . C   A 1 15 ? -9.08847  -10.90680 9.45125   1.000 2.88689  ? 15  C   A N3    1 ? 
ATOM   314 C  C4    . C   A 1 15 ? -8.89018  -11.90034 8.57995   1.000 7.96810  ? 15  C   A C4    1 ? 
ATOM   315 N  N4    . C   A 1 15 ? -9.38412  -11.77404 7.34261   1.000 5.06453  ? 15  C   A N4    1 ? 
ATOM   316 C  C5    . C   A 1 15 ? -8.17875  -13.07777 8.93514   1.000 7.56375  ? 15  C   A C5    1 ? 
ATOM   317 C  C6    . C   A 1 15 ? -7.69723  -13.15498 10.18729  1.000 6.01749  ? 15  C   A C6    1 ? 
ATOM   318 P  P     . U   A 1 16 ? -10.02289 -15.34367 14.79649  1.000 7.37047  ? 16  U   A P     1 ? 
ATOM   319 O  OP1   . U   A 1 16 ? -10.19782 -15.98185 16.13042  1.000 10.58165 ? 16  U   A OP1   1 ? 
ATOM   320 O  OP2   . U   A 1 16 ? -10.26076 -16.15146 13.57135  1.000 6.75461  ? 16  U   A OP2   1 ? 
ATOM   321 O  "O5'" . U   A 1 16 ? -10.98402 -14.07667 14.72318  1.000 6.11453  ? 16  U   A "O5'" 1 ? 
ATOM   322 C  "C5'" . U   A 1 16 ? -11.03104 -13.11636 15.76716  1.000 2.66198  ? 16  U   A "C5'" 1 ? 
ATOM   323 C  "C4'" . U   A 1 16 ? -11.92322 -11.96073 15.39174  1.000 3.40326  ? 16  U   A "C4'" 1 ? 
ATOM   324 O  "O4'" . U   A 1 16 ? -11.37388 -11.27851 14.23382  1.000 2.77276  ? 16  U   A "O4'" 1 ? 
ATOM   325 C  "C3'" . U   A 1 16 ? -13.33324 -12.32833 14.96073  1.000 6.46071  ? 16  U   A "C3'" 1 ? 
ATOM   326 O  "O3'" . U   A 1 16 ? -14.20096 -12.57289 16.05354  1.000 9.77566  ? 16  U   A "O3'" 1 ? 
ATOM   327 C  "C2'" . U   A 1 16 ? -13.74286 -11.13087 14.12211  1.000 8.26954  ? 16  U   A "C2'" 1 ? 
ATOM   328 O  "O2'" . U   A 1 16 ? -14.09046 -10.03850 14.97068  1.000 5.94548  ? 16  U   A "O2'" 1 ? 
ATOM   329 C  "C1'" . U   A 1 16 ? -12.42624 -10.80123 13.42008  1.000 3.67722  ? 16  U   A "C1'" 1 ? 
ATOM   330 N  N1    . U   A 1 16 ? -12.31149 -11.44860 12.09037  1.000 1.97309  ? 16  U   A N1    1 ? 
ATOM   331 C  C2    . U   A 1 16 ? -12.88344 -10.76347 11.03903  1.000 2.42531  ? 16  U   A C2    1 ? 
ATOM   332 O  O2    . U   A 1 16 ? -13.49242 -9.70962  11.19944  1.000 4.99447  ? 16  U   A O2    1 ? 
ATOM   333 N  N3    . U   A 1 16 ? -12.73708 -11.36153 9.80922   1.000 3.02366  ? 16  U   A N3    1 ? 
ATOM   334 C  C4    . U   A 1 16 ? -12.09658 -12.55360 9.55192   1.000 5.85756  ? 16  U   A C4    1 ? 
ATOM   335 O  O4    . U   A 1 16 ? -12.06538 -12.96942 8.39491   1.000 5.15050  ? 16  U   A O4    1 ? 
ATOM   336 C  C5    . U   A 1 16 ? -11.52117 -13.20521 10.69898  1.000 4.60921  ? 16  U   A C5    1 ? 
ATOM   337 C  C6    . U   A 1 16 ? -11.64040 -12.63516 11.90704  1.000 3.54503  ? 16  U   A C6    1 ? 
HETATM 338 CO CO    . NCO B 2 .  ? -6.88043  -17.38198 -4.37718  1.000 28.68677 ? 101 NCO A CO    1 ? 
HETATM 339 N  N1    . NCO B 2 .  ? -6.04465  -18.94840 -4.77316  1.000 27.06745 ? 101 NCO A N1    1 ? 
HETATM 340 N  N2    . NCO B 2 .  ? -7.74740  -15.83641 -3.97759  1.000 41.80400 ? 101 NCO A N2    1 ? 
HETATM 341 N  N3    . NCO B 2 .  ? -6.51460  -16.74269 -6.03953  1.000 20.40054 ? 101 NCO A N3    1 ? 
HETATM 342 N  N4    . NCO B 2 .  ? -8.43537  -18.09815 -4.99184  1.000 34.09920 ? 101 NCO A N4    1 ? 
HETATM 343 N  N5    . NCO B 2 .  ? -7.27274  -18.02398 -2.72326  1.000 24.89232 ? 101 NCO A N5    1 ? 
HETATM 344 N  N6    . NCO B 2 .  ? -5.32296  -16.65846 -3.77218  1.000 24.29886 ? 101 NCO A N6    1 ? 
HETATM 345 O  O     . HOH C 3 .  ? 10.11200  8.16396   -9.72570  1.000 34.79743 ? 201 HOH A O     1 ? 
HETATM 346 O  O     . HOH C 3 .  ? -11.94019 -16.89066 12.27106  1.000 41.82655 ? 202 HOH A O     1 ? 
HETATM 347 O  O     . HOH C 3 .  ? -5.17229  -18.97076 -2.09889  1.000 21.76289 ? 203 HOH A O     1 ? 
HETATM 348 O  O     . HOH C 3 .  ? 1.57022   4.93487   -2.09792  1.000 26.93729 ? 204 HOH A O     1 ? 
HETATM 349 O  O     . HOH C 3 .  ? -16.39188 -13.29720 15.37298  1.000 23.44934 ? 205 HOH A O     1 ? 
HETATM 350 O  O     . HOH C 3 .  ? 17.83795  8.57036   -8.84359  1.000 19.85275 ? 206 HOH A O     1 ? 
HETATM 351 O  O     . HOH C 3 .  ? 12.22958  2.67082   -7.11611  1.000 22.55929 ? 207 HOH A O     1 ? 
HETATM 352 O  O     . HOH C 3 .  ? -8.05618  -11.74298 3.02682   1.000 23.71951 ? 208 HOH A O     1 ? 
HETATM 353 O  O     . HOH C 3 .  ? 16.81356  9.00033   -1.41910  1.000 29.10783 ? 209 HOH A O     1 ? 
HETATM 354 O  O     . HOH C 3 .  ? 6.70120   9.85287   -3.44018  1.000 20.71618 ? 210 HOH A O     1 ? 
HETATM 355 O  O     . HOH C 3 .  ? -3.53381  1.03162   -1.05104  1.000 24.05426 ? 211 HOH A O     1 ? 
HETATM 356 O  O     . HOH C 3 .  ? 1.95569   -15.01980 1.04950   1.000 22.09174 ? 212 HOH A O     1 ? 
HETATM 357 O  O     . HOH C 3 .  ? 7.15128   7.29566   1.83551   1.000 34.22671 ? 213 HOH A O     1 ? 
HETATM 358 O  O     . HOH C 3 .  ? -6.34467  -9.62970  -2.69316  1.000 26.98537 ? 214 HOH A O     1 ? 
HETATM 359 O  O     . HOH C 3 .  ? -5.64949  -15.29661 2.61770   1.000 18.74703 ? 215 HOH A O     1 ? 
HETATM 360 O  O     . HOH C 3 .  ? 10.89037  7.24255   -5.64507  1.000 23.20020 ? 216 HOH A O     1 ? 
HETATM 361 O  O     . HOH C 3 .  ? 1.14568   12.63729  7.65418   1.000 23.13562 ? 217 HOH A O     1 ? 
HETATM 362 O  O     . HOH C 3 .  ? 9.99350   4.38615   5.06634   1.000 26.86674 ? 218 HOH A O     1 ? 
HETATM 363 O  O     . HOH C 3 .  ? 12.36997  2.98562   -0.06976  1.000 28.24485 ? 219 HOH A O     1 ? 
HETATM 364 O  O     . HOH C 3 .  ? 17.50140  10.37567  -7.81828  1.000 20.58450 ? 220 HOH A O     1 ? 
HETATM 365 O  O     . HOH C 3 .  ? 0.16659   -17.99161 6.15789   0.330 13.61498 ? 221 HOH A O     1 ? 
HETATM 366 O  O     . HOH C 3 .  ? 10.23125  10.52250  -14.04815 1.000 30.56987 ? 222 HOH A O     1 ? 
HETATM 367 O  O     . HOH C 3 .  ? 0.05149   5.93769   0.53790   1.000 21.33643 ? 223 HOH A O     1 ? 
HETATM 368 O  O     . HOH C 3 .  ? 17.07186  10.69950  -2.71510  1.000 21.35290 ? 224 HOH A O     1 ? 
HETATM 369 O  O     . HOH C 3 .  ? 2.92288   7.14571   0.35986   1.000 21.29111 ? 225 HOH A O     1 ? 
HETATM 370 O  O     . HOH C 3 .  ? -5.59807  -12.93429 -0.77819  1.000 16.25686 ? 226 HOH A O     1 ? 
HETATM 371 O  O     . HOH C 3 .  ? -2.28524  -12.55392 -7.80305  1.000 20.60274 ? 227 HOH A O     1 ? 
HETATM 372 O  O     . HOH C 3 .  ? 15.66368  3.29284   -1.58220  1.000 31.62450 ? 228 HOH A O     1 ? 
HETATM 373 O  O     . HOH C 3 .  ? 8.79911   8.15216   -1.08731  1.000 26.26165 ? 229 HOH A O     1 ? 
HETATM 374 O  O     . HOH C 3 .  ? 1.03659   15.07074  2.35822   1.000 31.26697 ? 230 HOH A O     1 ? 
HETATM 375 O  O     . HOH C 3 .  ? 9.68784   12.93755  -7.73595  1.000 17.06124 ? 231 HOH A O     1 ? 
HETATM 376 O  O     . HOH C 3 .  ? 8.92275   9.02009   -5.17371  1.000 13.89857 ? 232 HOH A O     1 ? 
HETATM 377 O  O     . HOH C 3 .  ? 10.23744  10.24482  -8.02714  1.000 18.42028 ? 233 HOH A O     1 ? 
HETATM 378 O  O     . HOH C 3 .  ? -15.60874 -8.00191  11.66953  1.000 20.61768 ? 234 HOH A O     1 ? 
HETATM 379 O  O     . HOH C 3 .  ? 5.65923   8.04724   -0.06327  1.000 20.49456 ? 235 HOH A O     1 ? 
HETATM 380 O  O     . HOH C 3 .  ? 13.10828  6.05573   5.26428   1.000 33.89360 ? 236 HOH A O     1 ? 
HETATM 381 O  O     . HOH C 3 .  ? 9.00342   15.69062  2.41534   1.000 26.25940 ? 237 HOH A O     1 ? 
HETATM 382 O  O     . HOH C 3 .  ? 2.20438   10.43148  9.39662   1.000 32.14830 ? 238 HOH A O     1 ? 
HETATM 383 O  O     . HOH C 3 .  ? -7.26680  2.25575   -1.24416  1.000 19.62793 ? 239 HOH A O     1 ? 
HETATM 384 O  O     . HOH C 3 .  ? -5.81432  12.30804  3.98344   0.330 17.44664 ? 240 HOH A O     1 ? 
HETATM 385 O  O     . HOH C 3 .  ? -11.04009 -15.37964 7.39401   1.000 17.44626 ? 241 HOH A O     1 ? 
HETATM 386 O  O     . HOH C 3 .  ? -7.77894  -16.20198 6.92461   1.000 29.97495 ? 242 HOH A O     1 ? 
HETATM 387 O  O     . HOH C 3 .  ? 13.16912  12.90411  1.27392   1.000 17.03165 ? 243 HOH A O     1 ? 
HETATM 388 O  O     . HOH C 3 .  ? -4.24525  4.49399   0.02846   1.000 32.26315 ? 244 HOH A O     1 ? 
HETATM 389 O  O     . HOH C 3 .  ? -8.68439  -0.96478  -2.92840  1.000 26.38975 ? 245 HOH A O     1 ? 
HETATM 390 O  O     . HOH C 3 .  ? -3.34717  13.09236  -0.80988  1.000 34.17600 ? 246 HOH A O     1 ? 
HETATM 391 O  O     . HOH C 3 .  ? 17.00486  4.75720   -3.19407  1.000 27.91707 ? 247 HOH A O     1 ? 
HETATM 392 O  O     . HOH C 3 .  ? -2.39106  -16.58672 12.45374  1.000 8.61051  ? 248 HOH A O     1 ? 
HETATM 393 O  O     . HOH C 3 .  ? -1.51065  -20.07443 7.15634   0.330 9.80523  ? 249 HOH A O     1 ? 
HETATM 394 O  O     . HOH C 3 .  ? 3.88070   7.62908   3.27712   1.000 25.46072 ? 250 HOH A O     1 ? 
HETATM 395 O  O     . HOH C 3 .  ? -9.07010  -14.06983 5.61401   1.000 14.30000 ? 251 HOH A O     1 ? 
HETATM 396 O  O     . HOH C 3 .  ? -6.14403  3.20028   -10.36596 1.000 26.70279 ? 252 HOH A O     1 ? 
HETATM 397 O  O     . HOH C 3 .  ? 11.91293  3.49145   -11.35463 1.000 26.33110 ? 253 HOH A O     1 ? 
HETATM 398 O  O     . HOH C 3 .  ? -9.94525  -16.27729 10.67838  1.000 15.29932 ? 254 HOH A O     1 ? 
HETATM 399 O  O     . HOH C 3 .  ? -10.04479 9.42964   -1.10873  1.000 20.41282 ? 255 HOH A O     1 ? 
HETATM 400 O  O     . HOH C 3 .  ? -6.28391  -6.98392  1.51346   1.000 29.12669 ? 256 HOH A O     1 ? 
HETATM 401 O  O     . HOH C 3 .  ? 9.22781   6.70944   -2.99165  1.000 30.10974 ? 257 HOH A O     1 ? 
HETATM 402 O  O     . HOH C 3 .  ? -6.63591  -10.07690 0.90399   1.000 21.21423 ? 258 HOH A O     1 ? 
HETATM 403 O  O     . HOH C 3 .  ? -2.55865  3.49892   -1.01760  1.000 26.57736 ? 259 HOH A O     1 ? 
HETATM 404 O  O     . HOH C 3 .  ? -6.32444  -1.19207  -1.01038  1.000 19.69345 ? 260 HOH A O     1 ? 
HETATM 405 O  O     . HOH C 3 .  ? -6.17608  -13.12400 16.98970  0.500 4.51377  ? 261 HOH A O     1 ? 
HETATM 406 O  O     . HOH C 3 .  ? 13.04586  3.60395   2.64719   1.000 26.63847 ? 262 HOH A O     1 ? 
HETATM 407 O  O     . HOH C 3 .  ? 8.02640   10.51027  -6.71741  1.000 35.94266 ? 263 HOH A O     1 ? 
HETATM 408 O  O     . HOH C 3 .  ? 0.08755   6.90854   3.26657   1.000 25.02162 ? 264 HOH A O     1 ? 
HETATM 409 O  O     . HOH C 3 .  ? -3.31651  15.41817  2.49048   0.330 29.97391 ? 265 HOH A O     1 ? 
HETATM 410 O  O     . HOH C 3 .  ? 9.26902   2.58161   -8.93799  1.000 25.38698 ? 266 HOH A O     1 ? 
HETATM 411 O  O     . HOH C 3 .  ? 2.01843   5.13697   0.43218   1.000 23.22018 ? 267 HOH A O     1 ? 
HETATM 412 O  O     . HOH C 3 .  ? -9.12814  -12.98603 1.68824   1.000 15.94065 ? 268 HOH A O     1 ? 
HETATM 413 O  O     . HOH C 3 .  ? 7.08724   7.60824   -5.33534  1.000 29.00154 ? 269 HOH A O     1 ? 
# 
